data_6KIQ
#
_entry.id   6KIQ
#
_cell.length_a   1.00
_cell.length_b   1.00
_cell.length_c   1.00
_cell.angle_alpha   90.00
_cell.angle_beta   90.00
_cell.angle_gamma   90.00
#
_symmetry.space_group_name_H-M   'P 1'
#
loop_
_entity.id
_entity.type
_entity.pdbx_description
1 polymer 'Alpha tubulin'
2 polymer 'Tubulin beta chain'
3 polymer 'Dynein heavy chain, cytoplasmic'
#
loop_
_entity_poly.entity_id
_entity_poly.type
_entity_poly.pdbx_seq_one_letter_code
_entity_poly.pdbx_strand_id
1 'polypeptide(L)'
;RECISIHVGQAGVQIGNACWELYCLEHGIQPDGHVPRAVFVDLEPTVIDEVRTGTYRQLFHPEQLITGKEDAANNYARGH
YTIGKEIIDLVLDRIRKLADQCTGLQGFSVFHSFGGGTGSGFTSLLMERLSVDYGKKSKLEFSIYPAPQVSTAVVEPYNS
ILTTHTTLEHSDCAFMVDNEAIYDICRRNLDIERPTYTNLNRLIGQIVSSITASLRFDGALNVDLTEFQTNLVPYPRGHF
PLATYAPVISAEKAYHEQLSVAEITNACFEPANQMVKCDPRHGKYMACCLLYRGDVVPKDVNAAIATIKTKRTIQFVDWC
PTGFKVGINYEPPTVVPGGDLAKVQRAVCMLSNTTAIAEAWARLDHKFDLMYAKRAFVHWYVGEGMEEGEFSEAREDMAA
LEKDYEEVGVDS
;
a
2 'polypeptide(L)'
;REIVHIQAGQCGNQIGAKFWEVISDEHGIDPTGSYHGDSDLQLERINVYYNEAAGNKYVPRAILVDLEPGTMDSVRSGPF
GQIFRPDNFVFGQSGAGNNWAKGHYTEGAELVDSVLDVVRKESESCDCLQGFQLTHSLGGGTGSGMGTLLISKIREEYPD
RIMNTFSVVPSPKVSDTVVEPYNATLSVHQLVENTDETYCIDNEALYDICFRTLKLTTPTYGDLNHLVSATMSGVTTCLR
FPGQLNADLRKLAVNMVPFPRLHFFMPGFAPLTSRGSQQYRALTVPELTQQMFDAKNMMAACDPRHGRYLTVAAVFRGRM
SMKEVDEQMLNVQNKNSSYFVEWIPNNVKTAVCDIPPRGLKMSATFIGNSTAIQELFKRISEQFTAMFRRKAFLHWYTGE
GMDEMEFTEAESNMNDLVSEYQQYQD
;
b
3 'polypeptide(L)'
;MKSIQDCEPTILEAQRGVKNIKKQQLTEIRSMVNPPSGVKIVMEAVCAILGYQFSNWRDIQQFIRKDDFIHNIVHYDTTL
HMKPQIRKYMEEEFLSDPNFTYETINRASKACGPLYQWVNAQINFSKCLE
;
M
#
# COMPACT_ATOMS: atom_id res chain seq x y z
N ARG A 1 -15.16 22.69 27.93
CA ARG A 1 -14.11 22.20 28.83
C ARG A 1 -13.41 21.11 28.06
N GLU A 2 -12.78 20.05 28.58
CA GLU A 2 -11.61 19.52 27.87
C GLU A 2 -12.25 18.56 26.85
N CYS A 3 -11.45 17.85 26.04
CA CYS A 3 -11.83 17.67 24.65
C CYS A 3 -11.24 16.46 23.97
N ILE A 4 -11.94 15.36 23.67
CA ILE A 4 -11.30 14.12 23.22
C ILE A 4 -10.55 14.17 21.96
N SER A 5 -9.69 13.20 21.61
CA SER A 5 -8.86 13.31 20.44
C SER A 5 -8.68 12.01 19.82
N ILE A 6 -8.76 11.87 18.54
CA ILE A 6 -8.73 10.59 17.91
C ILE A 6 -7.63 10.48 16.93
N HIS A 7 -6.51 9.86 17.07
CA HIS A 7 -5.63 9.72 15.94
C HIS A 7 -5.79 8.53 15.03
N VAL A 8 -6.26 8.50 13.80
CA VAL A 8 -6.32 7.24 13.08
C VAL A 8 -5.33 7.23 12.03
N GLY A 9 -4.57 6.16 11.78
CA GLY A 9 -3.56 6.02 10.72
C GLY A 9 -2.14 5.99 11.22
N GLN A 10 -1.21 5.28 10.51
CA GLN A 10 0.21 5.10 10.83
C GLN A 10 0.72 6.36 11.27
N ALA A 11 0.55 7.32 10.42
CA ALA A 11 0.82 8.69 10.67
C ALA A 11 0.23 9.27 11.89
N GLY A 12 -1.08 9.28 11.93
CA GLY A 12 -1.78 9.87 13.00
C GLY A 12 -1.38 9.40 14.30
N VAL A 13 -0.80 8.27 14.44
CA VAL A 13 -0.50 7.89 15.76
C VAL A 13 0.79 8.44 16.11
N GLN A 14 1.68 8.58 15.18
CA GLN A 14 2.99 9.09 15.42
C GLN A 14 2.70 10.47 15.82
N ILE A 15 1.79 11.16 15.12
CA ILE A 15 1.56 12.56 15.38
C ILE A 15 1.14 12.71 16.75
N GLY A 16 0.35 11.77 17.16
CA GLY A 16 -0.06 11.80 18.51
C GLY A 16 1.08 11.66 19.34
N ASN A 17 1.86 10.70 19.12
CA ASN A 17 2.82 10.30 20.03
C ASN A 17 3.80 11.31 20.49
N ALA A 18 4.18 12.21 19.62
CA ALA A 18 4.90 13.41 19.97
C ALA A 18 4.07 14.36 20.69
N CYS A 19 2.96 14.70 20.04
CA CYS A 19 2.07 15.68 20.53
C CYS A 19 1.55 15.42 21.90
N TRP A 20 1.25 14.19 22.21
CA TRP A 20 0.82 13.84 23.50
C TRP A 20 1.86 13.92 24.45
N GLU A 21 3.11 13.84 24.06
CA GLU A 21 4.14 14.05 25.01
C GLU A 21 4.10 15.43 25.38
N LEU A 22 4.29 16.36 24.49
CA LEU A 22 4.32 17.75 24.86
C LEU A 22 3.35 18.27 25.86
N TYR A 23 2.09 17.84 25.72
CA TYR A 23 0.98 18.04 26.58
C TYR A 23 1.40 17.68 27.82
N CYS A 24 1.53 16.43 28.07
CA CYS A 24 1.95 16.05 29.32
C CYS A 24 3.10 16.77 29.91
N LEU A 25 4.13 17.11 29.22
CA LEU A 25 5.06 18.01 29.82
C LEU A 25 4.54 19.31 30.28
N GLU A 26 3.61 19.82 29.53
CA GLU A 26 3.12 21.14 29.60
C GLU A 26 2.48 21.37 30.90
N HIS A 27 1.63 20.47 31.40
CA HIS A 27 0.95 20.76 32.61
C HIS A 27 1.74 20.24 33.72
N GLY A 28 2.87 19.60 33.48
CA GLY A 28 3.68 19.03 34.53
C GLY A 28 3.20 17.72 34.98
N ILE A 29 2.57 16.94 34.12
CA ILE A 29 2.22 15.56 34.34
C ILE A 29 3.50 14.75 34.26
N GLN A 30 3.81 13.78 35.14
CA GLN A 30 4.97 12.90 35.06
C GLN A 30 4.82 11.94 33.95
N PRO A 31 5.30 10.73 33.87
CA PRO A 31 4.60 9.79 33.02
C PRO A 31 3.48 9.03 33.73
N ASP A 32 2.66 9.70 34.62
CA ASP A 32 1.55 9.24 35.47
C ASP A 32 0.95 10.26 36.52
N GLY A 33 -0.39 10.31 36.63
CA GLY A 33 -1.21 11.15 37.53
C GLY A 33 -2.73 11.09 37.27
N HIS A 34 -3.23 11.93 36.35
CA HIS A 34 -4.49 11.74 35.66
C HIS A 34 -4.16 10.99 34.41
N VAL A 35 -5.05 10.79 33.50
CA VAL A 35 -4.91 9.83 32.49
C VAL A 35 -5.36 10.31 31.17
N PRO A 36 -4.71 10.28 30.07
CA PRO A 36 -5.08 10.95 28.87
C PRO A 36 -6.34 10.62 28.34
N ARG A 37 -6.83 11.38 27.46
CA ARG A 37 -8.21 11.56 27.45
C ARG A 37 -8.48 11.40 26.05
N ALA A 38 -7.80 10.47 25.35
CA ALA A 38 -8.00 10.36 23.91
C ALA A 38 -7.75 9.04 23.29
N VAL A 39 -7.81 8.79 21.97
CA VAL A 39 -7.72 7.41 21.47
C VAL A 39 -6.88 7.17 20.19
N PHE A 40 -6.50 5.96 19.86
CA PHE A 40 -5.57 5.81 18.81
C PHE A 40 -6.09 4.73 18.05
N VAL A 41 -6.46 4.80 16.83
CA VAL A 41 -7.07 3.68 16.18
C VAL A 41 -6.33 3.26 15.06
N ASP A 42 -6.14 1.97 14.72
CA ASP A 42 -5.37 1.57 13.55
C ASP A 42 -5.57 0.12 13.08
N LEU A 43 -5.49 -0.21 11.82
CA LEU A 43 -5.61 -1.58 11.43
C LEU A 43 -4.30 -2.34 11.28
N GLU A 44 -3.22 -2.08 12.00
CA GLU A 44 -2.02 -2.84 11.70
C GLU A 44 -1.09 -2.70 12.79
N PRO A 45 -0.88 -3.61 13.58
CA PRO A 45 -0.38 -3.36 14.86
C PRO A 45 0.83 -2.56 15.13
N THR A 46 1.92 -2.78 14.46
CA THR A 46 3.23 -2.28 14.81
C THR A 46 3.39 -0.89 15.32
N VAL A 47 2.54 0.07 14.96
CA VAL A 47 2.79 1.42 15.35
C VAL A 47 2.37 1.56 16.74
N ILE A 48 1.21 1.04 17.04
CA ILE A 48 0.61 1.17 18.31
C ILE A 48 1.36 0.36 19.24
N ASP A 49 1.95 -0.68 18.72
CA ASP A 49 2.74 -1.55 19.49
C ASP A 49 3.90 -0.91 20.12
N GLU A 50 4.53 0.03 19.45
CA GLU A 50 5.60 0.76 20.12
C GLU A 50 5.13 1.50 21.31
N VAL A 51 3.84 1.83 21.31
CA VAL A 51 3.33 2.83 22.17
C VAL A 51 2.98 2.14 23.37
N ARG A 52 2.90 0.82 23.31
CA ARG A 52 2.40 0.08 24.38
C ARG A 52 3.60 -0.20 25.14
N THR A 53 4.75 0.00 24.56
CA THR A 53 5.97 -0.33 25.22
C THR A 53 6.83 0.81 25.60
N GLY A 54 7.10 1.74 24.70
CA GLY A 54 8.02 2.84 24.96
C GLY A 54 7.49 3.77 25.97
N THR A 55 8.34 4.51 26.71
CA THR A 55 7.97 5.14 27.97
C THR A 55 6.77 5.91 27.79
N TYR A 56 5.80 5.77 28.67
CA TYR A 56 4.42 5.99 28.35
C TYR A 56 3.84 4.68 28.16
N ARG A 57 4.30 3.70 28.90
CA ARG A 57 3.51 2.50 28.97
C ARG A 57 2.30 2.85 29.78
N GLN A 58 2.55 3.52 30.91
CA GLN A 58 1.56 3.69 31.89
C GLN A 58 0.43 4.48 31.44
N LEU A 59 0.70 5.48 30.68
CA LEU A 59 -0.04 6.63 30.86
C LEU A 59 -1.08 6.67 29.87
N PHE A 60 -1.72 5.57 29.66
CA PHE A 60 -2.94 5.54 28.98
C PHE A 60 -3.52 4.44 29.72
N HIS A 61 -4.84 4.31 29.87
CA HIS A 61 -5.44 3.15 30.53
C HIS A 61 -5.65 2.28 29.33
N PRO A 62 -5.29 1.05 29.26
CA PRO A 62 -5.11 0.40 28.02
C PRO A 62 -6.31 0.11 27.31
N GLU A 63 -7.40 0.67 27.64
CA GLU A 63 -8.55 0.41 26.91
C GLU A 63 -8.44 1.07 25.61
N GLN A 64 -7.74 2.21 25.53
CA GLN A 64 -8.09 3.12 24.46
C GLN A 64 -7.12 3.08 23.35
N LEU A 65 -6.38 2.02 23.10
CA LEU A 65 -5.42 1.99 22.06
C LEU A 65 -5.93 0.85 21.38
N ILE A 66 -6.80 1.08 20.47
CA ILE A 66 -7.47 0.01 19.87
C ILE A 66 -6.67 -0.30 18.73
N THR A 67 -6.34 -1.54 18.38
CA THR A 67 -5.49 -1.80 17.24
C THR A 67 -6.09 -2.91 16.60
N GLY A 68 -6.05 -3.03 15.31
CA GLY A 68 -6.79 -4.09 14.66
C GLY A 68 -5.95 -5.28 14.74
N LYS A 69 -6.00 -6.21 13.80
CA LYS A 69 -4.82 -7.01 13.67
C LYS A 69 -4.75 -7.51 12.34
N GLU A 70 -5.75 -7.32 11.51
CA GLU A 70 -5.67 -7.80 10.18
C GLU A 70 -4.89 -6.84 9.37
N ASP A 71 -5.12 -6.71 8.09
CA ASP A 71 -4.31 -5.87 7.30
C ASP A 71 -4.48 -4.41 7.54
N ALA A 72 -3.72 -3.57 6.88
CA ALA A 72 -3.92 -2.20 6.92
C ALA A 72 -4.36 -1.70 5.63
N ALA A 73 -4.78 -2.51 4.69
CA ALA A 73 -4.95 -1.99 3.39
C ALA A 73 -3.72 -1.31 2.82
N ASN A 74 -3.80 -0.46 1.81
CA ASN A 74 -3.07 0.81 1.75
C ASN A 74 -3.74 1.55 0.69
N ASN A 75 -5.00 1.36 0.73
CA ASN A 75 -5.84 1.67 -0.30
C ASN A 75 -7.16 1.89 0.38
N TYR A 76 -7.81 3.05 0.26
CA TYR A 76 -9.06 3.39 0.89
C TYR A 76 -10.02 2.28 0.98
N ALA A 77 -10.72 1.93 -0.09
CA ALA A 77 -11.83 1.05 -0.19
C ALA A 77 -11.91 0.12 0.92
N ARG A 78 -10.95 -0.74 0.97
CA ARG A 78 -10.80 -1.77 1.91
C ARG A 78 -10.93 -1.39 3.33
N GLY A 79 -10.26 -0.31 3.66
CA GLY A 79 -10.22 0.40 4.89
C GLY A 79 -11.52 1.05 5.21
N HIS A 80 -12.25 1.50 4.24
CA HIS A 80 -13.58 1.96 4.51
C HIS A 80 -14.55 0.84 4.65
N TYR A 81 -14.90 0.11 3.63
CA TYR A 81 -15.79 -0.99 3.71
C TYR A 81 -15.16 -2.15 4.41
N THR A 82 -15.00 -3.24 3.66
CA THR A 82 -14.33 -4.50 3.95
C THR A 82 -13.68 -4.72 5.27
N ILE A 83 -12.40 -4.44 5.44
CA ILE A 83 -11.78 -4.77 6.67
C ILE A 83 -12.23 -3.97 7.81
N GLY A 84 -11.87 -2.69 7.85
CA GLY A 84 -12.22 -1.66 8.83
C GLY A 84 -13.53 -1.76 9.46
N LYS A 85 -14.52 -2.25 8.74
CA LYS A 85 -15.83 -2.47 9.21
C LYS A 85 -15.86 -3.25 10.44
N GLU A 86 -15.25 -4.37 10.51
CA GLU A 86 -15.01 -4.95 11.79
C GLU A 86 -14.58 -4.16 12.98
N ILE A 87 -13.73 -3.17 12.83
CA ILE A 87 -13.20 -2.53 13.99
C ILE A 87 -14.17 -1.51 14.50
N ILE A 88 -14.87 -0.79 13.59
CA ILE A 88 -15.67 0.37 13.88
C ILE A 88 -16.33 0.38 15.18
N ASP A 89 -17.19 -0.57 15.42
CA ASP A 89 -17.90 -0.76 16.61
C ASP A 89 -17.13 -0.58 17.81
N LEU A 90 -16.28 -1.50 18.05
CA LEU A 90 -15.34 -1.43 19.09
C LEU A 90 -14.65 -0.16 19.34
N VAL A 91 -14.11 0.53 18.35
CA VAL A 91 -13.80 1.93 18.60
C VAL A 91 -14.93 2.74 19.11
N LEU A 92 -16.00 2.87 18.33
CA LEU A 92 -17.16 3.64 18.69
C LEU A 92 -17.58 3.48 20.09
N ASP A 93 -17.82 2.31 20.58
CA ASP A 93 -17.78 2.16 21.99
C ASP A 93 -16.79 2.85 22.86
N ARG A 94 -15.50 2.99 22.66
CA ARG A 94 -14.74 3.69 23.67
C ARG A 94 -15.07 5.08 23.74
N ILE A 95 -15.32 5.76 22.66
CA ILE A 95 -15.49 7.17 22.89
C ILE A 95 -16.83 7.52 23.51
N ARG A 96 -17.60 6.58 23.93
CA ARG A 96 -18.95 6.74 24.32
C ARG A 96 -18.95 6.32 25.68
N LYS A 97 -17.93 5.62 26.07
CA LYS A 97 -17.60 5.50 27.43
C LYS A 97 -16.81 6.66 27.69
N LEU A 98 -16.12 7.21 26.71
CA LEU A 98 -15.37 8.37 27.02
C LEU A 98 -16.04 9.66 26.92
N ALA A 99 -17.12 9.82 26.16
CA ALA A 99 -17.86 11.04 26.20
C ALA A 99 -18.42 11.27 27.58
N ASP A 100 -18.98 10.24 28.12
CA ASP A 100 -19.71 10.36 29.30
C ASP A 100 -18.83 10.16 30.45
N GLN A 101 -17.56 10.36 30.28
CA GLN A 101 -16.75 10.47 31.43
C GLN A 101 -16.60 11.88 31.74
N CYS A 102 -17.16 12.78 30.93
CA CYS A 102 -16.91 14.18 31.17
C CYS A 102 -17.95 15.08 30.61
N THR A 103 -18.07 16.28 31.17
CA THR A 103 -19.12 17.24 30.90
C THR A 103 -18.70 18.16 29.86
N GLY A 104 -19.59 18.56 28.95
CA GLY A 104 -19.38 19.73 28.12
C GLY A 104 -18.04 19.90 27.50
N LEU A 105 -17.67 18.98 26.65
CA LEU A 105 -16.59 19.16 25.72
C LEU A 105 -17.10 19.89 24.50
N GLN A 106 -16.25 20.19 23.54
CA GLN A 106 -16.67 20.93 22.38
C GLN A 106 -16.45 20.17 21.10
N GLY A 107 -15.57 19.17 21.07
CA GLY A 107 -15.26 18.52 19.82
C GLY A 107 -14.08 17.63 19.77
N PHE A 108 -13.77 17.19 18.61
CA PHE A 108 -12.94 16.09 18.49
C PHE A 108 -11.84 16.55 17.68
N SER A 109 -10.67 16.61 18.24
CA SER A 109 -9.54 16.83 17.43
C SER A 109 -9.18 15.55 16.80
N VAL A 110 -9.39 15.32 15.54
CA VAL A 110 -9.01 14.15 14.80
C VAL A 110 -7.72 14.33 14.27
N PHE A 111 -6.79 13.42 14.26
CA PHE A 111 -5.67 13.66 13.39
C PHE A 111 -5.47 12.61 12.40
N HIS A 112 -5.79 12.75 11.17
CA HIS A 112 -5.80 11.54 10.44
C HIS A 112 -5.17 11.87 9.21
N SER A 113 -4.71 10.95 8.39
CA SER A 113 -3.71 11.30 7.43
C SER A 113 -4.11 10.92 6.09
N PHE A 114 -3.80 11.67 5.04
CA PHE A 114 -4.49 11.49 3.80
C PHE A 114 -3.83 10.54 2.88
N GLY A 115 -2.82 9.79 3.35
CA GLY A 115 -2.12 8.75 2.58
C GLY A 115 -2.30 7.42 3.20
N GLY A 116 -1.69 7.27 4.37
CA GLY A 116 -1.54 6.17 5.27
C GLY A 116 -2.44 5.01 5.31
N GLY A 117 -2.03 3.95 6.05
CA GLY A 117 -2.61 2.65 6.04
C GLY A 117 -4.06 2.79 6.04
N THR A 118 -4.63 3.13 7.18
CA THR A 118 -6.06 3.12 7.38
C THR A 118 -6.92 3.98 6.53
N GLY A 119 -6.45 5.14 6.17
CA GLY A 119 -6.92 6.26 6.97
C GLY A 119 -7.30 7.35 6.16
N SER A 120 -7.51 7.15 4.92
CA SER A 120 -8.48 7.96 4.26
C SER A 120 -9.79 7.31 4.54
N GLY A 121 -10.07 6.17 3.97
CA GLY A 121 -11.28 5.36 4.06
C GLY A 121 -11.77 5.23 5.40
N PHE A 122 -11.26 4.41 6.26
CA PHE A 122 -11.60 4.50 7.65
C PHE A 122 -12.06 5.81 8.22
N THR A 123 -11.23 6.80 8.37
CA THR A 123 -11.67 8.12 8.77
C THR A 123 -12.91 8.55 8.16
N SER A 124 -13.06 8.47 6.87
CA SER A 124 -14.29 8.52 6.14
C SER A 124 -15.47 7.93 6.75
N LEU A 125 -15.36 6.74 7.25
CA LEU A 125 -16.46 6.22 7.92
C LEU A 125 -16.48 6.60 9.36
N LEU A 126 -15.39 6.97 9.97
CA LEU A 126 -15.52 7.47 11.29
C LEU A 126 -16.14 8.78 11.39
N MET A 127 -15.65 9.82 10.72
CA MET A 127 -16.21 11.13 10.91
C MET A 127 -17.61 11.15 10.56
N GLU A 128 -17.97 10.37 9.58
CA GLU A 128 -19.32 10.07 9.35
C GLU A 128 -20.04 9.42 10.46
N ARG A 129 -19.64 8.30 11.03
CA ARG A 129 -20.40 7.88 12.18
C ARG A 129 -20.41 8.76 13.39
N LEU A 130 -19.54 9.73 13.53
CA LEU A 130 -19.64 10.60 14.64
C LEU A 130 -20.65 11.56 14.34
N SER A 131 -20.59 12.14 13.17
CA SER A 131 -21.57 13.07 12.71
C SER A 131 -22.99 12.71 12.85
N VAL A 132 -23.38 11.46 13.05
CA VAL A 132 -24.75 11.15 13.26
C VAL A 132 -25.00 10.95 14.70
N ASP A 133 -24.06 10.40 15.43
CA ASP A 133 -24.21 10.20 16.82
C ASP A 133 -23.95 11.43 17.64
N TYR A 134 -23.33 12.47 17.12
CA TYR A 134 -23.01 13.57 17.96
C TYR A 134 -23.16 14.77 17.14
N GLY A 135 -24.24 14.84 16.34
CA GLY A 135 -24.48 15.77 15.25
C GLY A 135 -24.12 17.19 15.50
N LYS A 136 -24.32 17.63 16.71
CA LYS A 136 -23.91 18.89 17.21
C LYS A 136 -22.46 19.26 17.26
N LYS A 137 -21.56 18.42 17.75
CA LYS A 137 -20.29 18.90 18.23
C LYS A 137 -19.37 19.47 17.20
N SER A 138 -18.14 19.86 17.60
CA SER A 138 -17.15 20.44 16.72
C SER A 138 -16.09 19.49 16.28
N LYS A 139 -15.70 19.46 15.04
CA LYS A 139 -14.93 18.42 14.45
C LYS A 139 -13.76 18.97 13.79
N LEU A 140 -12.66 19.21 14.47
CA LEU A 140 -11.52 19.77 13.84
C LEU A 140 -10.53 18.78 13.44
N GLU A 141 -10.29 18.51 12.20
CA GLU A 141 -9.33 17.54 11.84
C GLU A 141 -8.08 18.03 11.35
N PHE A 142 -6.95 17.67 11.86
CA PHE A 142 -5.75 18.15 11.26
C PHE A 142 -5.23 17.19 10.28
N SER A 143 -5.44 17.35 9.03
CA SER A 143 -5.09 16.26 8.18
C SER A 143 -3.80 16.52 7.49
N ILE A 144 -3.08 15.53 6.96
CA ILE A 144 -1.77 15.67 6.38
C ILE A 144 -1.86 15.21 5.01
N TYR A 145 -1.43 15.93 4.04
CA TYR A 145 -2.07 16.00 2.78
C TYR A 145 -0.99 15.98 1.82
N PRO A 146 -0.98 15.39 0.72
CA PRO A 146 0.26 14.97 0.13
C PRO A 146 0.85 15.95 -0.82
N ALA A 147 2.07 16.40 -0.53
CA ALA A 147 2.93 17.23 -1.30
C ALA A 147 2.80 17.31 -2.78
N PRO A 148 3.24 18.33 -3.41
CA PRO A 148 3.10 18.44 -4.84
C PRO A 148 4.07 17.57 -5.53
N GLN A 149 5.22 17.22 -4.98
CA GLN A 149 6.12 16.31 -5.62
C GLN A 149 6.46 15.15 -4.82
N VAL A 150 6.85 15.32 -3.56
CA VAL A 150 7.38 14.32 -2.66
C VAL A 150 6.43 13.26 -2.21
N SER A 151 5.52 12.82 -3.06
CA SER A 151 4.66 11.71 -2.76
C SER A 151 5.40 10.44 -2.50
N THR A 152 4.91 9.56 -1.62
CA THR A 152 5.56 8.32 -1.41
C THR A 152 4.60 7.23 -1.64
N ALA A 153 3.78 7.29 -2.64
CA ALA A 153 3.00 6.17 -2.89
C ALA A 153 2.45 6.36 -4.18
N VAL A 154 1.81 5.34 -4.67
CA VAL A 154 1.33 5.37 -6.01
C VAL A 154 -0.12 5.32 -5.90
N VAL A 155 -0.64 5.37 -4.71
CA VAL A 155 -2.01 5.69 -4.63
C VAL A 155 -2.24 6.80 -3.66
N GLU A 156 -1.34 7.77 -3.50
CA GLU A 156 -1.77 8.99 -2.90
C GLU A 156 -2.85 9.53 -3.71
N PRO A 157 -2.78 9.75 -4.94
CA PRO A 157 -3.93 10.27 -5.59
C PRO A 157 -5.24 9.63 -5.54
N TYR A 158 -5.38 8.37 -5.68
CA TYR A 158 -6.59 7.76 -5.32
C TYR A 158 -7.05 8.00 -3.95
N ASN A 159 -6.26 7.90 -2.90
CA ASN A 159 -6.90 8.12 -1.62
C ASN A 159 -7.40 9.53 -1.41
N SER A 160 -6.91 10.54 -2.07
CA SER A 160 -7.20 11.80 -1.48
C SER A 160 -8.32 12.32 -2.25
N ILE A 161 -8.58 11.85 -3.41
CA ILE A 161 -9.73 12.37 -4.09
C ILE A 161 -10.89 11.66 -3.60
N LEU A 162 -10.69 10.58 -2.89
CA LEU A 162 -11.80 9.88 -2.35
C LEU A 162 -12.11 10.49 -1.04
N THR A 163 -11.18 11.14 -0.40
CA THR A 163 -11.45 11.53 0.93
C THR A 163 -12.23 12.75 0.99
N THR A 164 -12.30 13.61 -0.04
CA THR A 164 -12.68 15.00 0.16
C THR A 164 -14.08 15.02 0.45
N HIS A 165 -14.86 14.29 -0.28
CA HIS A 165 -16.24 14.29 -0.13
C HIS A 165 -16.61 13.75 1.21
N THR A 166 -15.79 12.93 1.80
CA THR A 166 -16.16 12.51 3.11
C THR A 166 -15.81 13.53 4.07
N THR A 167 -14.82 14.39 3.85
CA THR A 167 -14.55 15.36 4.87
C THR A 167 -15.23 16.65 4.67
N LEU A 168 -15.47 17.03 3.43
CA LEU A 168 -16.25 18.17 3.10
C LEU A 168 -17.51 18.27 3.83
N GLU A 169 -18.26 17.21 3.93
CA GLU A 169 -19.59 17.29 4.44
C GLU A 169 -19.70 16.91 5.83
N HIS A 170 -18.66 16.98 6.60
CA HIS A 170 -18.80 16.27 7.81
C HIS A 170 -17.75 16.56 8.70
N SER A 171 -16.81 17.38 8.34
CA SER A 171 -15.92 17.80 9.36
C SER A 171 -15.93 19.24 9.34
N ASP A 172 -15.76 19.87 10.49
CA ASP A 172 -16.19 21.21 10.56
C ASP A 172 -15.22 22.07 9.96
N CYS A 173 -13.99 21.87 10.31
CA CYS A 173 -13.04 22.73 9.73
C CYS A 173 -11.79 21.90 9.65
N ALA A 174 -11.21 21.73 8.50
CA ALA A 174 -10.13 20.84 8.28
C ALA A 174 -8.84 21.48 8.00
N PHE A 175 -7.86 21.43 8.85
CA PHE A 175 -6.54 21.97 8.73
C PHE A 175 -5.64 21.19 7.87
N MET A 176 -4.69 21.77 7.18
CA MET A 176 -3.84 21.09 6.24
C MET A 176 -2.46 21.39 6.57
N VAL A 177 -1.62 20.40 6.53
CA VAL A 177 -0.20 20.53 6.58
C VAL A 177 0.25 19.87 5.34
N ASP A 178 1.46 20.00 4.88
CA ASP A 178 1.97 19.05 3.97
C ASP A 178 3.35 18.89 4.44
N ASN A 179 3.85 17.67 4.32
CA ASN A 179 5.16 17.24 4.51
C ASN A 179 6.15 17.98 3.73
N GLU A 180 5.95 18.21 2.46
CA GLU A 180 6.97 18.84 1.67
C GLU A 180 7.21 20.21 2.14
N ALA A 181 6.18 21.03 2.19
CA ALA A 181 6.28 22.35 2.71
C ALA A 181 6.77 22.52 4.07
N ILE A 182 6.95 21.47 4.80
CA ILE A 182 7.43 21.62 6.11
C ILE A 182 8.84 21.53 5.96
N TYR A 183 9.34 20.87 4.96
CA TYR A 183 10.73 20.64 4.92
C TYR A 183 11.55 21.85 4.86
N ASP A 184 11.18 22.85 4.09
CA ASP A 184 11.96 24.06 4.06
C ASP A 184 12.28 24.58 5.38
N ILE A 185 11.28 24.66 6.20
CA ILE A 185 11.38 25.25 7.48
C ILE A 185 12.40 24.63 8.35
N CYS A 186 12.58 23.36 8.21
CA CYS A 186 13.49 22.66 9.06
C CYS A 186 14.89 22.87 8.59
N ARG A 187 15.03 23.26 7.37
CA ARG A 187 16.30 23.30 6.79
C ARG A 187 16.75 24.66 7.02
N ARG A 188 15.94 25.65 6.65
CA ARG A 188 16.41 26.99 6.74
C ARG A 188 16.24 27.52 8.12
N ASN A 189 15.23 27.18 8.88
CA ASN A 189 14.91 28.14 9.87
C ASN A 189 15.09 27.45 11.10
N LEU A 190 16.09 26.65 11.18
CA LEU A 190 16.04 25.74 12.27
C LEU A 190 17.32 25.03 12.16
N ASP A 191 17.62 24.64 10.91
CA ASP A 191 18.97 24.41 10.57
C ASP A 191 19.38 23.10 11.07
N ILE A 192 18.83 22.10 10.40
CA ILE A 192 19.08 20.70 10.59
C ILE A 192 18.88 20.14 9.24
N GLU A 193 19.48 18.99 8.97
CA GLU A 193 19.32 18.33 7.70
C GLU A 193 18.85 16.89 7.82
N ARG A 194 18.47 16.59 9.04
CA ARG A 194 17.86 15.39 9.46
C ARG A 194 16.38 15.58 9.73
N PRO A 195 15.53 16.00 8.90
CA PRO A 195 14.20 16.16 9.39
C PRO A 195 13.35 14.94 9.20
N THR A 196 13.43 13.91 10.04
CA THR A 196 12.57 12.73 10.04
C THR A 196 11.05 12.91 10.08
N TYR A 197 10.14 11.95 9.76
CA TYR A 197 8.72 12.08 10.07
C TYR A 197 8.70 12.40 11.55
N THR A 198 9.55 11.85 12.40
CA THR A 198 9.71 12.35 13.75
C THR A 198 10.08 13.75 14.05
N ASN A 199 10.48 14.63 13.17
CA ASN A 199 10.79 15.98 13.60
C ASN A 199 9.63 16.76 13.35
N LEU A 200 9.13 16.77 12.17
CA LEU A 200 7.89 17.40 11.86
C LEU A 200 6.77 17.12 12.75
N ASN A 201 6.66 15.92 13.26
CA ASN A 201 5.63 15.68 14.20
C ASN A 201 5.85 16.54 15.42
N ARG A 202 7.07 16.79 15.91
CA ARG A 202 7.32 17.66 17.03
C ARG A 202 6.92 18.98 16.76
N LEU A 203 6.93 19.34 15.55
CA LEU A 203 6.43 20.58 15.17
C LEU A 203 4.98 20.61 15.28
N ILE A 204 4.15 19.84 14.56
CA ILE A 204 2.70 19.98 14.67
C ILE A 204 2.19 19.93 16.05
N GLY A 205 2.77 19.13 16.89
CA GLY A 205 2.55 19.19 18.32
C GLY A 205 2.74 20.51 18.98
N GLN A 206 3.32 21.49 18.35
CA GLN A 206 3.40 22.79 18.85
C GLN A 206 2.30 23.46 18.26
N ILE A 207 2.09 23.59 16.97
CA ILE A 207 0.88 24.24 16.53
C ILE A 207 -0.34 23.79 17.13
N VAL A 208 -0.54 22.54 17.44
CA VAL A 208 -1.71 22.31 18.24
C VAL A 208 -1.72 22.81 19.61
N SER A 209 -0.70 22.79 20.43
CA SER A 209 -0.90 23.32 21.76
C SER A 209 -1.33 24.70 21.76
N SER A 210 -0.99 25.45 20.77
CA SER A 210 -1.46 26.77 20.72
C SER A 210 -2.88 26.90 20.36
N ILE A 211 -3.58 26.02 19.69
CA ILE A 211 -5.00 26.30 19.59
C ILE A 211 -5.61 26.09 20.92
N THR A 212 -5.94 24.91 21.21
CA THR A 212 -6.59 24.48 22.37
C THR A 212 -5.91 24.60 23.68
N ALA A 213 -5.08 23.59 24.13
CA ALA A 213 -4.28 23.49 25.36
C ALA A 213 -4.31 24.74 26.08
N SER A 214 -3.54 25.64 25.50
CA SER A 214 -3.20 26.99 25.85
C SER A 214 -4.28 27.95 26.13
N LEU A 215 -5.39 27.86 25.45
CA LEU A 215 -6.59 28.64 25.56
C LEU A 215 -7.09 28.29 26.89
N ARG A 216 -7.06 27.03 27.20
CA ARG A 216 -7.34 26.59 28.52
C ARG A 216 -6.44 27.06 29.59
N PHE A 217 -5.43 27.89 29.36
CA PHE A 217 -4.73 28.55 30.45
C PHE A 217 -5.13 29.97 30.71
N ASP A 218 -5.95 30.56 29.87
CA ASP A 218 -6.69 31.75 30.18
C ASP A 218 -5.90 33.00 30.55
N GLY A 219 -5.96 33.98 29.67
CA GLY A 219 -4.88 34.90 29.59
C GLY A 219 -5.31 36.26 29.48
N ALA A 220 -5.98 36.66 28.44
CA ALA A 220 -6.24 38.04 28.46
C ALA A 220 -7.20 38.41 27.47
N LEU A 221 -7.52 37.58 26.57
CA LEU A 221 -8.39 38.03 25.58
C LEU A 221 -8.40 36.77 24.89
N ASN A 222 -9.39 35.93 25.16
CA ASN A 222 -9.31 34.55 24.85
C ASN A 222 -10.23 34.24 23.74
N VAL A 223 -9.96 33.20 23.01
CA VAL A 223 -10.63 32.85 21.81
C VAL A 223 -11.01 31.46 22.05
N ASP A 224 -11.93 30.87 21.27
CA ASP A 224 -12.54 29.61 21.56
C ASP A 224 -13.20 28.91 20.40
N LEU A 225 -13.40 27.62 20.54
CA LEU A 225 -13.66 26.76 19.47
C LEU A 225 -14.87 27.07 18.73
N THR A 226 -15.99 27.34 19.32
CA THR A 226 -17.04 27.93 18.50
C THR A 226 -16.70 29.09 17.62
N GLU A 227 -16.11 30.11 18.19
CA GLU A 227 -15.59 31.26 17.51
C GLU A 227 -15.14 31.12 16.12
N PHE A 228 -14.31 30.17 15.86
CA PHE A 228 -13.98 29.77 14.55
C PHE A 228 -15.09 29.61 13.67
N GLN A 229 -15.76 28.54 13.72
CA GLN A 229 -17.00 28.38 13.01
C GLN A 229 -17.92 29.57 12.74
N THR A 230 -17.98 30.53 13.64
CA THR A 230 -18.09 31.92 13.13
C THR A 230 -17.05 32.68 12.42
N ASN A 231 -15.91 32.95 12.99
CA ASN A 231 -15.01 33.79 12.34
C ASN A 231 -14.21 33.25 11.19
N LEU A 232 -14.09 31.96 10.90
CA LEU A 232 -13.23 31.64 9.77
C LEU A 232 -14.02 31.12 8.72
N VAL A 233 -15.17 30.59 8.97
CA VAL A 233 -15.90 30.17 7.84
C VAL A 233 -16.46 31.35 7.23
N PRO A 234 -17.06 31.32 6.15
CA PRO A 234 -17.74 32.51 5.90
C PRO A 234 -18.78 32.14 5.04
N TYR A 235 -19.21 30.95 5.07
CA TYR A 235 -20.19 30.61 4.15
C TYR A 235 -20.60 29.31 4.72
N PRO A 236 -21.12 28.31 4.05
CA PRO A 236 -21.22 27.01 4.60
C PRO A 236 -19.96 26.25 4.55
N ARG A 237 -19.38 26.03 3.36
CA ARG A 237 -18.43 24.97 3.11
C ARG A 237 -17.26 24.92 4.04
N GLY A 238 -16.82 23.70 4.39
CA GLY A 238 -16.05 23.29 5.57
C GLY A 238 -14.78 23.97 5.85
N HIS A 239 -14.49 24.94 5.06
CA HIS A 239 -13.33 25.69 4.86
C HIS A 239 -12.14 25.53 5.68
N PHE A 240 -11.04 25.79 5.06
CA PHE A 240 -9.87 25.13 5.39
C PHE A 240 -8.87 26.12 5.66
N PRO A 241 -8.45 26.36 6.75
CA PRO A 241 -7.30 27.16 7.00
C PRO A 241 -6.13 26.67 6.36
N LEU A 242 -5.05 27.39 6.42
CA LEU A 242 -3.75 26.88 6.51
C LEU A 242 -3.15 27.36 7.73
N ALA A 243 -2.33 26.64 8.37
CA ALA A 243 -1.73 27.00 9.64
C ALA A 243 -0.45 27.69 9.47
N THR A 244 0.05 28.54 10.31
CA THR A 244 1.41 28.97 10.24
C THR A 244 1.87 29.17 11.56
N TYR A 245 3.07 28.99 11.96
CA TYR A 245 3.42 29.29 13.30
C TYR A 245 4.43 30.28 13.12
N ALA A 246 4.90 31.02 14.12
CA ALA A 246 5.83 32.06 13.86
C ALA A 246 7.07 31.80 14.48
N PRO A 247 7.66 32.08 15.56
CA PRO A 247 9.07 32.19 15.59
C PRO A 247 9.61 30.85 15.77
N VAL A 248 10.17 30.31 14.69
CA VAL A 248 10.60 28.95 14.54
C VAL A 248 12.02 28.80 14.84
N ILE A 249 12.76 29.78 15.25
CA ILE A 249 14.16 29.63 15.04
C ILE A 249 14.85 28.99 16.13
N SER A 250 16.03 28.50 15.79
CA SER A 250 16.82 27.57 16.54
C SER A 250 17.55 28.18 17.59
N ALA A 251 18.25 27.45 18.40
CA ALA A 251 18.63 28.03 19.66
C ALA A 251 19.85 28.88 19.64
N GLU A 252 20.35 29.19 18.45
CA GLU A 252 21.40 30.14 18.30
C GLU A 252 21.15 30.87 17.05
N LYS A 253 19.94 30.98 16.57
CA LYS A 253 19.62 32.21 15.92
C LYS A 253 18.76 32.88 16.93
N ALA A 254 18.73 32.39 18.17
CA ALA A 254 18.08 33.05 19.24
C ALA A 254 18.69 34.34 19.49
N TYR A 255 19.98 34.46 19.55
CA TYR A 255 20.48 35.73 19.96
C TYR A 255 20.59 36.63 18.80
N HIS A 256 19.55 37.38 18.66
CA HIS A 256 19.60 38.40 17.74
C HIS A 256 18.50 39.32 18.21
N GLU A 257 18.60 39.82 19.46
CA GLU A 257 17.61 40.62 20.22
C GLU A 257 16.18 40.08 20.15
N GLN A 258 15.20 40.75 20.79
CA GLN A 258 13.89 40.18 20.89
C GLN A 258 13.29 39.92 19.59
N LEU A 259 12.36 39.00 19.62
CA LEU A 259 11.49 38.81 18.54
C LEU A 259 10.38 39.79 18.84
N SER A 260 10.24 40.86 18.12
CA SER A 260 9.26 41.81 18.56
C SER A 260 7.99 41.29 18.11
N VAL A 261 6.97 41.42 18.86
CA VAL A 261 5.67 41.33 18.33
C VAL A 261 5.38 41.77 16.94
N ALA A 262 5.56 42.99 16.64
CA ALA A 262 5.76 43.41 15.30
C ALA A 262 6.48 42.54 14.30
N GLU A 263 7.37 41.67 14.68
CA GLU A 263 8.14 40.99 13.71
C GLU A 263 7.44 39.77 13.42
N ILE A 264 7.18 38.96 14.43
CA ILE A 264 6.61 37.71 14.26
C ILE A 264 5.37 37.71 13.56
N THR A 265 4.67 38.80 13.62
CA THR A 265 3.46 38.82 12.89
C THR A 265 3.74 39.10 11.51
N ASN A 266 4.79 39.82 11.25
CA ASN A 266 5.09 40.11 9.92
C ASN A 266 5.63 38.90 9.27
N ALA A 267 6.28 38.06 10.05
CA ALA A 267 6.94 36.91 9.54
C ALA A 267 6.04 35.80 9.14
N CYS A 268 4.76 35.96 9.25
CA CYS A 268 3.82 34.96 8.93
C CYS A 268 3.42 35.16 7.62
N PHE A 269 3.35 36.35 7.12
CA PHE A 269 2.73 36.48 5.84
C PHE A 269 3.66 36.09 4.77
N GLU A 270 4.91 35.96 5.13
CA GLU A 270 5.95 35.53 4.29
C GLU A 270 5.76 34.16 3.67
N PRO A 271 5.55 33.97 2.40
CA PRO A 271 5.07 32.78 1.78
C PRO A 271 6.14 31.77 1.69
N ALA A 272 7.13 31.84 2.55
CA ALA A 272 8.18 30.89 2.66
C ALA A 272 8.23 30.51 4.08
N ASN A 273 7.12 30.66 4.76
CA ASN A 273 7.15 30.28 6.10
C ASN A 273 5.80 29.90 6.38
N GLN A 274 5.02 29.43 5.43
CA GLN A 274 3.78 28.88 5.85
C GLN A 274 3.83 27.38 5.92
N MET A 275 2.78 26.63 5.64
CA MET A 275 2.84 25.23 5.71
C MET A 275 1.91 24.71 4.78
N VAL A 276 2.14 24.80 3.51
CA VAL A 276 1.47 23.98 2.58
C VAL A 276 1.83 24.62 1.33
N LYS A 277 2.45 23.90 0.40
CA LYS A 277 2.94 24.57 -0.77
C LYS A 277 1.83 25.17 -1.51
N CYS A 278 1.84 26.48 -1.55
CA CYS A 278 0.70 27.19 -1.99
C CYS A 278 1.07 28.60 -2.20
N ASP A 279 1.70 29.27 -1.22
CA ASP A 279 2.20 30.66 -1.25
C ASP A 279 1.17 31.71 -1.34
N PRO A 280 0.90 32.54 -0.44
CA PRO A 280 -0.32 33.28 -0.56
C PRO A 280 -0.28 34.44 -1.49
N ARG A 281 0.76 34.65 -2.29
CA ARG A 281 0.99 35.89 -2.99
C ARG A 281 -0.16 36.30 -3.79
N HIS A 282 -0.88 35.39 -4.44
CA HIS A 282 -2.02 35.78 -5.20
C HIS A 282 -3.24 35.26 -4.59
N GLY A 283 -3.14 34.71 -3.40
CA GLY A 283 -4.34 34.40 -2.68
C GLY A 283 -4.94 35.65 -2.17
N LYS A 284 -6.24 35.73 -2.08
CA LYS A 284 -6.79 36.64 -1.16
C LYS A 284 -7.01 35.97 0.18
N TYR A 285 -6.56 36.56 1.25
CA TYR A 285 -6.95 36.20 2.56
C TYR A 285 -8.40 36.44 2.73
N MET A 286 -9.02 35.82 3.68
CA MET A 286 -10.36 36.15 3.99
C MET A 286 -10.67 36.16 5.44
N ALA A 287 -9.76 36.03 6.39
CA ALA A 287 -10.14 35.74 7.73
C ALA A 287 -8.92 35.31 8.41
N CYS A 288 -8.50 35.78 9.56
CA CYS A 288 -7.31 35.32 10.28
C CYS A 288 -7.49 35.02 11.72
N CYS A 289 -6.86 34.10 12.37
CA CYS A 289 -6.87 34.23 13.79
C CYS A 289 -5.60 34.41 14.48
N LEU A 290 -5.01 35.53 14.67
CA LEU A 290 -3.68 35.47 15.22
C LEU A 290 -3.49 35.09 16.66
N LEU A 291 -3.21 33.88 17.08
CA LEU A 291 -3.16 33.69 18.51
C LEU A 291 -1.87 33.89 19.21
N TYR A 292 -1.65 34.79 20.10
CA TYR A 292 -0.32 35.08 20.51
C TYR A 292 -0.21 34.45 21.75
N ARG A 293 0.93 34.19 22.25
CA ARG A 293 0.94 33.73 23.55
C ARG A 293 2.18 34.05 24.10
N GLY A 294 2.27 34.34 25.38
CA GLY A 294 3.47 34.79 26.09
C GLY A 294 3.33 36.26 26.30
N ASP A 295 4.34 37.04 26.60
CA ASP A 295 4.20 38.45 26.86
C ASP A 295 3.88 39.26 25.67
N VAL A 296 2.67 39.34 25.25
CA VAL A 296 2.36 40.13 24.14
C VAL A 296 1.35 40.99 24.68
N VAL A 297 1.41 42.32 24.61
CA VAL A 297 0.47 43.22 25.24
C VAL A 297 -0.45 43.80 24.23
N PRO A 298 -1.74 43.85 24.35
CA PRO A 298 -2.74 44.09 23.34
C PRO A 298 -2.48 45.18 22.43
N LYS A 299 -1.74 46.14 22.93
CA LYS A 299 -1.47 47.30 22.19
C LYS A 299 -0.56 47.07 21.08
N ASP A 300 0.51 46.30 21.37
CA ASP A 300 1.59 45.96 20.51
C ASP A 300 1.10 45.36 19.28
N VAL A 301 0.17 44.52 19.53
CA VAL A 301 -0.44 43.77 18.55
C VAL A 301 -1.24 44.67 17.83
N ASN A 302 -2.08 45.38 18.53
CA ASN A 302 -2.90 46.35 17.96
C ASN A 302 -2.17 47.53 17.47
N ALA A 303 -1.21 47.32 16.60
CA ALA A 303 -0.37 48.29 16.00
C ALA A 303 0.33 47.56 14.93
N ALA A 304 0.90 46.42 15.31
CA ALA A 304 1.53 45.56 14.38
C ALA A 304 0.56 45.08 13.41
N ILE A 305 -0.69 44.94 13.78
CA ILE A 305 -1.65 44.50 12.85
C ILE A 305 -1.96 45.62 11.98
N ALA A 306 -1.95 46.82 12.47
CA ALA A 306 -2.18 47.93 11.62
C ALA A 306 -1.19 47.98 10.50
N THR A 307 0.08 47.82 10.81
CA THR A 307 1.03 47.80 9.71
C THR A 307 0.77 46.86 8.63
N ILE A 308 0.39 45.66 8.95
CA ILE A 308 0.06 44.65 8.00
C ILE A 308 -1.09 45.14 7.30
N LYS A 309 -2.11 45.59 8.01
CA LYS A 309 -3.34 46.10 7.49
C LYS A 309 -3.10 47.06 6.37
N THR A 310 -1.91 47.62 6.26
CA THR A 310 -1.51 48.45 5.16
C THR A 310 -0.37 47.99 4.32
N LYS A 311 -0.08 46.71 4.17
CA LYS A 311 1.19 46.37 3.53
C LYS A 311 1.02 46.14 2.07
N ARG A 312 -0.20 45.88 1.67
CA ARG A 312 -0.61 46.00 0.31
C ARG A 312 -0.03 45.05 -0.71
N THR A 313 0.99 44.25 -0.43
CA THR A 313 1.30 43.08 -1.24
C THR A 313 0.23 42.05 -1.07
N ILE A 314 0.02 41.77 0.20
CA ILE A 314 -0.94 41.01 0.88
C ILE A 314 -2.28 41.58 0.82
N GLN A 315 -3.27 40.87 0.31
CA GLN A 315 -4.52 41.45 -0.04
C GLN A 315 -5.54 40.94 0.87
N PHE A 316 -6.33 41.73 1.56
CA PHE A 316 -7.52 41.16 2.07
C PHE A 316 -8.51 41.18 0.98
N VAL A 317 -9.62 40.52 1.12
CA VAL A 317 -10.56 40.40 0.07
C VAL A 317 -11.54 41.49 0.20
N ASP A 318 -12.16 41.99 -0.88
CA ASP A 318 -13.04 43.15 -0.80
C ASP A 318 -14.20 42.98 0.10
N TRP A 319 -14.93 41.88 0.02
CA TRP A 319 -16.23 41.89 0.60
C TRP A 319 -16.15 41.59 2.05
N CYS A 320 -14.98 41.65 2.62
CA CYS A 320 -14.89 41.75 4.01
C CYS A 320 -14.05 42.96 4.14
N PRO A 321 -14.07 43.75 5.21
CA PRO A 321 -13.14 44.86 5.25
C PRO A 321 -12.39 44.71 6.47
N THR A 322 -12.95 44.05 7.42
CA THR A 322 -12.27 43.70 8.61
C THR A 322 -11.43 42.48 8.35
N GLY A 323 -10.65 42.02 9.32
CA GLY A 323 -10.69 40.59 9.51
C GLY A 323 -9.61 40.16 10.32
N PHE A 324 -9.82 40.00 11.59
CA PHE A 324 -8.78 39.63 12.47
C PHE A 324 -9.36 39.04 13.66
N LYS A 325 -8.60 38.81 14.66
CA LYS A 325 -9.01 38.19 15.84
C LYS A 325 -7.82 38.36 16.60
N VAL A 326 -7.69 37.99 17.81
CA VAL A 326 -6.42 38.10 18.42
C VAL A 326 -6.60 37.18 19.46
N GLY A 327 -5.67 36.39 19.78
CA GLY A 327 -5.67 35.58 20.95
C GLY A 327 -4.68 36.12 21.79
N ILE A 328 -4.83 36.58 22.97
CA ILE A 328 -3.59 36.67 23.72
C ILE A 328 -3.65 35.72 24.82
N ASN A 329 -2.72 34.83 25.08
CA ASN A 329 -2.82 34.05 26.28
C ASN A 329 -1.71 34.38 27.08
N TYR A 330 -1.59 33.95 28.30
CA TYR A 330 -0.28 33.86 28.88
C TYR A 330 0.13 32.51 28.57
N GLU A 331 1.09 32.00 29.29
CA GLU A 331 1.74 30.76 29.08
C GLU A 331 2.73 30.78 27.93
N PRO A 332 3.99 30.90 28.18
CA PRO A 332 4.91 31.16 27.11
C PRO A 332 5.34 29.88 26.53
N PRO A 333 5.29 29.47 25.28
CA PRO A 333 5.34 28.11 24.83
C PRO A 333 6.26 27.20 25.54
N THR A 334 5.95 25.91 25.74
CA THR A 334 6.93 25.05 26.37
C THR A 334 7.44 24.09 25.42
N VAL A 335 8.75 23.78 25.65
CA VAL A 335 9.88 23.40 24.84
C VAL A 335 10.32 22.00 25.07
N VAL A 336 10.15 21.08 24.13
CA VAL A 336 10.30 19.69 24.46
C VAL A 336 11.69 19.33 24.39
N PRO A 337 12.42 18.84 25.33
CA PRO A 337 13.86 18.65 25.25
C PRO A 337 14.42 18.07 23.98
N GLY A 338 13.82 16.99 23.49
CA GLY A 338 14.22 16.30 22.28
C GLY A 338 13.74 16.95 21.05
N GLY A 339 13.51 18.25 21.10
CA GLY A 339 13.13 19.09 20.02
C GLY A 339 14.14 20.15 19.98
N ASP A 340 13.83 21.18 19.21
CA ASP A 340 14.84 22.02 18.64
C ASP A 340 14.43 23.43 18.48
N LEU A 341 13.61 23.99 19.33
CA LEU A 341 13.20 25.34 19.19
C LEU A 341 13.75 25.99 20.38
N ALA A 342 13.89 27.29 20.34
CA ALA A 342 14.61 27.97 21.38
C ALA A 342 13.73 28.22 22.55
N LYS A 343 14.19 28.69 23.71
CA LYS A 343 13.23 29.14 24.70
C LYS A 343 12.64 30.46 24.34
N VAL A 344 11.68 30.49 23.44
CA VAL A 344 11.13 31.70 22.90
C VAL A 344 10.35 32.39 23.95
N GLN A 345 9.85 33.61 23.74
CA GLN A 345 8.88 34.18 24.63
C GLN A 345 7.64 34.51 24.03
N ARG A 346 7.32 34.07 22.84
CA ARG A 346 6.01 34.30 22.39
C ARG A 346 5.79 34.05 21.01
N ALA A 347 4.70 33.45 20.60
CA ALA A 347 4.65 33.02 19.26
C ALA A 347 3.32 33.04 18.76
N VAL A 348 3.12 32.99 17.49
CA VAL A 348 1.92 33.49 17.00
C VAL A 348 1.14 32.81 15.98
N CYS A 349 0.08 32.10 16.21
CA CYS A 349 -0.28 31.13 15.19
C CYS A 349 -1.24 31.47 14.24
N MET A 350 -0.99 32.04 13.15
CA MET A 350 -2.09 32.63 12.52
C MET A 350 -2.62 31.63 11.66
N LEU A 351 -3.89 31.35 11.57
CA LEU A 351 -4.29 30.29 10.68
C LEU A 351 -5.17 31.00 9.81
N SER A 352 -5.49 30.71 8.59
CA SER A 352 -6.41 31.65 8.00
C SER A 352 -7.00 31.23 6.76
N ASN A 353 -8.07 31.75 6.34
CA ASN A 353 -8.79 31.00 5.39
C ASN A 353 -8.42 31.66 4.17
N THR A 354 -7.87 31.06 3.14
CA THR A 354 -7.41 31.83 1.98
C THR A 354 -7.88 31.25 0.73
N THR A 355 -8.37 31.96 -0.28
CA THR A 355 -8.46 31.34 -1.59
C THR A 355 -7.20 30.83 -2.23
N ALA A 356 -6.04 30.87 -1.59
CA ALA A 356 -4.84 30.34 -2.16
C ALA A 356 -4.91 28.82 -2.34
N ILE A 357 -5.43 28.04 -1.42
CA ILE A 357 -5.65 26.62 -1.45
C ILE A 357 -6.38 26.07 -2.63
N ALA A 358 -6.90 26.92 -3.48
CA ALA A 358 -7.08 26.60 -4.85
C ALA A 358 -5.90 25.91 -5.52
N GLU A 359 -4.70 26.21 -5.07
CA GLU A 359 -3.46 25.64 -5.47
C GLU A 359 -3.41 24.18 -5.10
N ALA A 360 -2.97 23.79 -3.92
CA ALA A 360 -3.14 22.49 -3.39
C ALA A 360 -4.26 21.62 -3.92
N TRP A 361 -5.44 22.13 -4.15
CA TRP A 361 -6.49 21.33 -4.70
C TRP A 361 -6.17 21.00 -6.06
N ALA A 362 -5.73 21.89 -6.88
CA ALA A 362 -5.25 21.58 -8.18
C ALA A 362 -4.35 20.38 -8.28
N ARG A 363 -3.14 20.37 -7.71
CA ARG A 363 -2.21 19.30 -8.03
C ARG A 363 -2.73 17.91 -7.97
N LEU A 364 -3.70 17.69 -7.14
CA LEU A 364 -3.98 16.38 -6.79
C LEU A 364 -5.06 15.98 -7.62
N ASP A 365 -5.79 16.92 -8.11
CA ASP A 365 -6.85 16.71 -9.00
C ASP A 365 -6.16 16.41 -10.24
N HIS A 366 -5.20 17.21 -10.62
CA HIS A 366 -4.36 16.80 -11.70
C HIS A 366 -3.66 15.43 -11.77
N LYS A 367 -2.83 15.07 -10.78
CA LYS A 367 -2.28 13.75 -10.59
C LYS A 367 -3.19 12.68 -10.84
N PHE A 368 -4.20 12.60 -10.04
CA PHE A 368 -5.34 11.79 -10.25
C PHE A 368 -5.75 11.64 -11.64
N ASP A 369 -6.04 12.69 -12.35
CA ASP A 369 -6.48 12.57 -13.72
C ASP A 369 -5.70 11.62 -14.55
N LEU A 370 -4.39 11.81 -14.70
CA LEU A 370 -3.54 10.83 -15.33
C LEU A 370 -3.83 9.43 -15.00
N MET A 371 -3.92 9.11 -13.72
CA MET A 371 -4.13 7.76 -13.41
C MET A 371 -5.48 7.31 -13.73
N TYR A 372 -6.50 7.99 -13.33
CA TYR A 372 -7.80 7.60 -13.77
C TYR A 372 -7.95 7.59 -15.22
N ALA A 373 -7.36 8.52 -15.92
CA ALA A 373 -7.43 8.57 -17.32
C ALA A 373 -7.07 7.28 -18.03
N LYS A 374 -6.35 6.32 -17.42
CA LYS A 374 -6.22 5.01 -18.05
C LYS A 374 -7.10 4.00 -17.47
N ARG A 375 -7.48 4.22 -16.25
CA ARG A 375 -8.07 3.34 -15.31
C ARG A 375 -7.07 2.87 -14.44
N ALA A 376 -5.84 2.70 -14.87
CA ALA A 376 -4.74 2.23 -14.08
C ALA A 376 -5.11 1.48 -12.85
N PHE A 377 -4.51 1.71 -11.72
CA PHE A 377 -4.69 1.00 -10.50
C PHE A 377 -5.99 0.69 -9.91
N VAL A 378 -7.05 0.55 -10.61
CA VAL A 378 -8.34 0.49 -10.11
C VAL A 378 -8.63 -0.74 -9.37
N HIS A 379 -8.21 -1.87 -9.85
CA HIS A 379 -8.64 -3.12 -9.30
C HIS A 379 -8.46 -3.37 -7.87
N TRP A 380 -7.65 -2.62 -7.18
CA TRP A 380 -7.54 -2.90 -5.79
C TRP A 380 -8.68 -2.33 -5.08
N TYR A 381 -9.36 -1.33 -5.66
CA TYR A 381 -10.44 -0.73 -4.96
C TYR A 381 -11.66 -1.35 -5.42
N VAL A 382 -11.89 -1.51 -6.72
CA VAL A 382 -13.13 -2.04 -7.21
C VAL A 382 -13.51 -3.22 -6.47
N GLY A 383 -12.58 -4.14 -6.40
CA GLY A 383 -12.77 -5.36 -5.70
C GLY A 383 -12.98 -5.29 -4.26
N GLU A 384 -13.21 -4.16 -3.66
CA GLU A 384 -13.46 -4.13 -2.27
C GLU A 384 -14.77 -3.55 -1.93
N GLY A 385 -15.72 -3.51 -2.88
CA GLY A 385 -17.04 -3.07 -2.50
C GLY A 385 -17.03 -1.59 -2.34
N MET A 386 -16.75 -0.93 -3.41
CA MET A 386 -16.52 0.46 -3.46
C MET A 386 -16.65 0.54 -4.92
N GLU A 387 -16.90 1.65 -5.51
CA GLU A 387 -17.45 1.51 -6.80
C GLU A 387 -16.79 2.41 -7.76
N GLU A 388 -17.14 2.23 -9.01
CA GLU A 388 -16.88 3.10 -10.08
C GLU A 388 -17.48 4.46 -9.92
N GLY A 389 -18.46 4.59 -9.03
CA GLY A 389 -19.18 5.78 -8.71
C GLY A 389 -18.21 6.67 -8.13
N GLU A 390 -17.84 6.29 -6.91
CA GLU A 390 -16.88 6.89 -6.08
C GLU A 390 -15.72 7.41 -6.79
N PHE A 391 -15.25 6.81 -7.86
CA PHE A 391 -14.26 7.53 -8.62
C PHE A 391 -14.84 8.68 -9.30
N SER A 392 -15.66 8.50 -10.29
CA SER A 392 -16.21 9.68 -10.91
C SER A 392 -16.79 10.76 -9.97
N GLU A 393 -17.50 10.39 -8.89
CA GLU A 393 -18.22 11.41 -8.17
C GLU A 393 -17.39 12.07 -7.19
N ALA A 394 -16.18 11.65 -7.00
CA ALA A 394 -15.40 12.27 -6.03
C ALA A 394 -14.48 13.07 -6.80
N ARG A 395 -14.36 12.95 -8.10
CA ARG A 395 -13.68 14.03 -8.73
C ARG A 395 -14.59 15.15 -9.01
N GLU A 396 -15.69 14.90 -9.72
CA GLU A 396 -16.63 15.90 -10.14
C GLU A 396 -17.14 16.74 -9.04
N ASP A 397 -17.37 16.11 -7.91
CA ASP A 397 -17.47 16.78 -6.68
C ASP A 397 -16.33 17.67 -6.41
N MET A 398 -15.15 17.20 -6.09
CA MET A 398 -14.17 18.11 -5.70
C MET A 398 -13.84 19.19 -6.66
N ALA A 399 -13.86 19.04 -7.96
CA ALA A 399 -13.87 20.19 -8.86
C ALA A 399 -14.82 21.32 -8.52
N ALA A 400 -16.06 20.95 -8.28
CA ALA A 400 -17.10 21.82 -7.83
C ALA A 400 -17.01 22.14 -6.37
N LEU A 401 -15.88 21.98 -5.71
CA LEU A 401 -15.70 22.73 -4.50
C LEU A 401 -14.67 23.67 -4.87
N GLU A 402 -13.96 23.45 -5.91
CA GLU A 402 -12.82 24.19 -6.23
C GLU A 402 -13.20 25.37 -6.97
N LYS A 403 -14.37 25.42 -7.59
CA LYS A 403 -14.74 26.66 -8.24
C LYS A 403 -15.29 27.60 -7.22
N ASP A 404 -15.96 27.11 -6.20
CA ASP A 404 -16.30 27.95 -5.10
C ASP A 404 -15.13 28.60 -4.44
N TYR A 405 -14.14 27.92 -3.95
CA TYR A 405 -12.99 28.60 -3.42
C TYR A 405 -12.24 29.46 -4.31
N GLU A 406 -12.58 29.54 -5.56
CA GLU A 406 -12.11 30.60 -6.36
C GLU A 406 -13.15 31.66 -6.46
N GLU A 407 -14.44 31.38 -6.67
CA GLU A 407 -15.48 32.37 -6.93
C GLU A 407 -15.72 33.29 -5.79
N VAL A 408 -15.74 32.73 -4.60
CA VAL A 408 -15.75 33.50 -3.39
C VAL A 408 -14.53 34.35 -3.22
N GLY A 409 -13.62 34.32 -4.14
CA GLY A 409 -12.72 35.39 -4.33
C GLY A 409 -13.35 36.39 -5.22
N VAL A 410 -13.07 37.64 -4.91
CA VAL A 410 -12.88 38.70 -5.86
C VAL A 410 -14.14 39.32 -6.38
N ASP A 411 -15.12 38.50 -6.73
CA ASP A 411 -16.46 38.95 -6.95
C ASP A 411 -17.11 39.60 -5.71
N SER A 412 -17.33 40.93 -5.77
CA SER A 412 -18.05 41.67 -4.76
C SER A 412 -19.48 41.98 -5.24
N ARG B 1 -1.04 -11.95 12.19
CA ARG B 1 -0.60 -11.83 10.80
C ARG B 1 0.71 -12.40 10.56
N GLU B 2 0.82 -13.51 9.85
CA GLU B 2 1.95 -14.38 10.01
C GLU B 2 1.99 -15.23 8.79
N ILE B 3 3.08 -15.92 8.38
CA ILE B 3 3.19 -16.32 6.97
C ILE B 3 4.07 -17.50 6.81
N VAL B 4 3.94 -18.25 5.70
CA VAL B 4 4.21 -19.68 5.64
C VAL B 4 4.97 -20.19 4.46
N HIS B 5 6.23 -20.55 4.53
CA HIS B 5 7.02 -21.02 3.40
C HIS B 5 6.66 -22.16 2.51
N ILE B 6 7.02 -22.32 1.27
CA ILE B 6 6.91 -23.63 0.66
C ILE B 6 8.04 -23.88 -0.20
N GLN B 7 9.00 -24.74 0.11
CA GLN B 7 10.13 -24.85 -0.72
C GLN B 7 10.17 -25.84 -1.78
N ALA B 8 9.45 -25.77 -2.87
CA ALA B 8 9.52 -26.87 -3.80
C ALA B 8 10.75 -26.98 -4.64
N GLY B 9 11.37 -28.13 -4.67
CA GLY B 9 12.34 -28.48 -5.70
C GLY B 9 13.76 -28.27 -5.34
N GLN B 10 14.68 -28.31 -6.30
CA GLN B 10 16.05 -28.53 -5.98
C GLN B 10 16.71 -27.28 -5.46
N CYS B 11 16.74 -26.24 -6.28
CA CYS B 11 16.96 -24.87 -5.90
C CYS B 11 16.12 -24.53 -4.73
N GLY B 12 14.83 -24.60 -4.96
CA GLY B 12 13.79 -24.40 -4.02
C GLY B 12 14.02 -25.05 -2.74
N ASN B 13 14.73 -26.14 -2.65
CA ASN B 13 15.22 -26.48 -1.41
C ASN B 13 16.45 -25.69 -1.15
N GLN B 14 17.44 -25.78 -1.96
CA GLN B 14 18.67 -25.09 -1.73
C GLN B 14 18.70 -23.68 -1.25
N ILE B 15 17.92 -22.76 -1.79
CA ILE B 15 17.87 -21.38 -1.36
C ILE B 15 17.41 -21.25 0.05
N GLY B 16 16.48 -22.11 0.34
CA GLY B 16 15.79 -22.25 1.56
C GLY B 16 16.69 -22.40 2.63
N ALA B 17 17.57 -23.28 2.46
CA ALA B 17 18.55 -23.55 3.40
C ALA B 17 19.35 -22.40 3.80
N LYS B 18 19.60 -21.40 2.94
CA LYS B 18 20.27 -20.19 3.37
C LYS B 18 19.28 -19.26 3.97
N PHE B 19 18.05 -19.22 3.48
CA PHE B 19 17.15 -18.22 3.93
C PHE B 19 16.87 -18.36 5.33
N TRP B 20 16.81 -19.55 5.83
CA TRP B 20 16.54 -19.71 7.20
C TRP B 20 17.79 -19.59 7.90
N GLU B 21 18.91 -19.75 7.26
CA GLU B 21 20.12 -19.22 7.82
C GLU B 21 20.11 -17.77 8.10
N VAL B 22 19.70 -16.93 7.17
CA VAL B 22 19.55 -15.50 7.42
C VAL B 22 18.57 -15.15 8.51
N ILE B 23 17.28 -15.04 8.22
CA ILE B 23 16.18 -14.91 9.09
C ILE B 23 16.41 -15.39 10.43
N SER B 24 16.92 -16.57 10.69
CA SER B 24 17.24 -16.96 12.03
C SER B 24 18.19 -16.09 12.68
N ASP B 25 19.29 -15.84 12.07
CA ASP B 25 20.23 -14.92 12.53
C ASP B 25 19.74 -13.52 12.73
N GLU B 26 18.72 -13.10 12.02
CA GLU B 26 18.15 -11.84 12.39
C GLU B 26 17.23 -12.02 13.56
N HIS B 27 17.27 -13.04 14.35
CA HIS B 27 16.50 -12.94 15.51
C HIS B 27 17.27 -13.74 16.44
N GLY B 28 18.56 -13.65 16.45
CA GLY B 28 19.37 -14.30 17.47
C GLY B 28 19.13 -15.73 17.85
N ILE B 29 18.57 -16.55 16.96
CA ILE B 29 18.23 -17.94 17.13
C ILE B 29 19.35 -18.85 16.80
N ASP B 30 19.79 -19.73 17.69
CA ASP B 30 20.76 -20.80 17.51
C ASP B 30 20.51 -21.72 16.36
N PRO B 31 21.21 -22.79 16.11
CA PRO B 31 20.73 -23.80 15.20
C PRO B 31 19.63 -24.59 15.82
N THR B 32 19.69 -24.80 17.13
CA THR B 32 18.78 -25.67 17.83
C THR B 32 17.33 -25.24 17.66
N GLY B 33 17.06 -23.96 17.87
CA GLY B 33 15.78 -23.32 17.86
C GLY B 33 15.55 -22.48 19.07
N SER B 34 16.50 -22.36 19.99
CA SER B 34 16.34 -21.51 21.14
C SER B 34 16.93 -20.15 20.94
N TYR B 35 16.34 -19.08 21.50
CA TYR B 35 16.71 -17.73 21.24
C TYR B 35 17.78 -17.23 22.14
N HIS B 36 18.75 -16.45 21.65
CA HIS B 36 19.84 -16.00 22.48
C HIS B 36 20.23 -14.62 22.21
N GLY B 37 19.30 -13.82 21.68
CA GLY B 37 19.57 -12.50 21.20
C GLY B 37 19.80 -11.52 22.28
N ASP B 38 19.56 -10.26 21.98
CA ASP B 38 19.93 -9.13 22.80
C ASP B 38 18.79 -8.24 23.15
N SER B 39 18.03 -7.91 22.16
CA SER B 39 17.14 -6.81 22.21
C SER B 39 15.83 -7.36 21.91
N ASP B 40 14.89 -7.06 22.78
CA ASP B 40 13.64 -7.71 22.82
C ASP B 40 12.98 -7.60 21.56
N LEU B 41 13.20 -6.51 20.90
CA LEU B 41 12.66 -6.29 19.63
C LEU B 41 12.85 -7.40 18.66
N GLN B 42 13.95 -8.13 18.75
CA GLN B 42 14.22 -9.25 17.89
C GLN B 42 13.15 -10.26 17.97
N LEU B 43 12.76 -10.51 19.17
CA LEU B 43 11.97 -11.61 19.49
C LEU B 43 10.52 -11.25 19.45
N GLU B 44 10.17 -10.05 19.03
CA GLU B 44 8.83 -9.68 19.16
C GLU B 44 7.99 -10.21 18.12
N ARG B 45 8.51 -10.56 16.98
CA ARG B 45 7.58 -10.94 15.99
C ARG B 45 7.74 -12.26 15.44
N ILE B 46 8.46 -13.10 16.14
CA ILE B 46 8.86 -14.33 15.62
C ILE B 46 7.78 -15.01 14.97
N ASN B 47 6.64 -15.12 15.58
CA ASN B 47 5.42 -15.49 14.97
C ASN B 47 5.22 -15.36 13.57
N VAL B 48 5.56 -14.29 12.90
CA VAL B 48 5.45 -14.31 11.47
C VAL B 48 5.95 -15.50 10.73
N TYR B 49 7.01 -16.08 11.30
CA TYR B 49 7.91 -17.04 10.73
C TYR B 49 8.15 -18.20 11.55
N TYR B 50 7.55 -18.31 12.63
CA TYR B 50 7.89 -19.36 13.50
C TYR B 50 6.67 -19.99 14.00
N ASN B 51 6.87 -20.85 14.94
CA ASN B 51 5.91 -21.43 15.76
C ASN B 51 6.73 -21.59 16.89
N GLU B 52 6.10 -21.49 17.98
CA GLU B 52 6.68 -21.64 19.24
C GLU B 52 6.54 -23.03 19.58
N ALA B 53 7.60 -23.74 19.89
CA ALA B 53 7.35 -24.98 20.50
C ALA B 53 7.70 -24.93 21.92
N ALA B 54 7.08 -25.88 22.61
CA ALA B 54 7.09 -26.16 23.99
C ALA B 54 8.48 -26.45 24.43
N GLY B 55 8.90 -26.13 25.65
CA GLY B 55 10.29 -25.90 25.92
C GLY B 55 10.46 -24.54 25.44
N ASN B 56 11.49 -24.20 24.71
CA ASN B 56 11.40 -22.93 24.04
C ASN B 56 12.23 -23.08 22.85
N LYS B 57 11.67 -23.62 21.80
CA LYS B 57 12.44 -23.74 20.64
C LYS B 57 11.46 -23.43 19.63
N TYR B 58 11.75 -22.49 18.76
CA TYR B 58 10.82 -22.03 17.76
C TYR B 58 11.11 -22.68 16.49
N VAL B 59 10.35 -23.58 15.99
CA VAL B 59 10.71 -24.20 14.78
C VAL B 59 10.16 -23.66 13.50
N PRO B 60 10.90 -23.33 12.55
CA PRO B 60 10.44 -22.73 11.38
C PRO B 60 9.45 -23.31 10.62
N ARG B 61 8.50 -22.62 10.25
CA ARG B 61 7.46 -23.20 9.59
C ARG B 61 7.74 -23.25 8.19
N ALA B 62 8.27 -24.36 7.70
CA ALA B 62 8.35 -24.56 6.30
C ALA B 62 7.73 -25.79 5.80
N ILE B 63 7.66 -25.97 4.54
CA ILE B 63 7.32 -27.24 4.02
C ILE B 63 8.42 -27.56 3.06
N LEU B 64 8.95 -28.77 2.98
CA LEU B 64 10.12 -29.01 2.16
C LEU B 64 9.78 -29.97 1.13
N VAL B 65 9.53 -29.63 -0.08
CA VAL B 65 8.95 -30.51 -1.03
C VAL B 65 9.88 -31.02 -2.04
N ASP B 66 9.94 -32.33 -2.32
CA ASP B 66 10.74 -32.78 -3.44
C ASP B 66 10.44 -34.18 -3.90
N LEU B 67 10.46 -34.44 -5.19
CA LEU B 67 10.24 -35.72 -5.71
C LEU B 67 11.51 -36.47 -5.84
N GLU B 68 12.30 -36.69 -4.79
CA GLU B 68 13.42 -37.58 -4.74
C GLU B 68 13.95 -37.40 -3.39
N PRO B 69 15.00 -37.85 -2.88
CA PRO B 69 15.05 -37.83 -1.47
C PRO B 69 16.37 -37.93 -0.90
N GLY B 70 17.36 -37.43 -1.58
CA GLY B 70 18.69 -37.22 -1.06
C GLY B 70 18.87 -35.78 -0.76
N THR B 71 18.01 -34.96 -1.37
CA THR B 71 17.82 -33.54 -1.28
C THR B 71 17.64 -33.34 0.15
N MET B 72 16.52 -33.76 0.66
CA MET B 72 16.32 -33.78 2.04
C MET B 72 17.34 -34.42 2.88
N ASP B 73 18.18 -35.31 2.42
CA ASP B 73 19.22 -35.74 3.32
C ASP B 73 20.38 -34.86 3.28
N SER B 74 20.25 -33.73 2.65
CA SER B 74 21.32 -32.79 2.57
C SER B 74 20.80 -31.67 3.35
N VAL B 75 19.48 -31.42 3.37
CA VAL B 75 19.05 -30.20 3.98
C VAL B 75 19.11 -30.42 5.42
N ARG B 76 18.96 -31.64 5.86
CA ARG B 76 19.04 -31.86 7.24
C ARG B 76 20.43 -32.12 7.53
N SER B 77 21.28 -32.26 6.56
CA SER B 77 22.63 -32.51 6.93
C SER B 77 23.25 -31.24 7.39
N GLY B 78 22.69 -30.11 6.92
CA GLY B 78 23.23 -28.76 6.95
C GLY B 78 23.77 -28.24 8.26
N PRO B 79 23.93 -26.96 8.47
CA PRO B 79 24.51 -26.49 9.71
C PRO B 79 23.37 -25.91 10.43
N PHE B 80 22.28 -25.63 9.75
CA PHE B 80 21.11 -25.05 10.28
C PHE B 80 20.12 -25.93 9.71
N GLY B 81 20.22 -27.16 10.15
CA GLY B 81 19.37 -28.21 9.66
C GLY B 81 18.52 -28.73 10.72
N GLN B 82 18.93 -28.66 11.96
CA GLN B 82 18.05 -29.22 12.93
C GLN B 82 16.70 -28.64 12.98
N ILE B 83 16.65 -27.35 13.03
CA ILE B 83 15.49 -26.57 13.03
C ILE B 83 14.25 -27.09 12.52
N PHE B 84 14.09 -27.66 11.37
CA PHE B 84 12.76 -27.90 10.88
C PHE B 84 12.14 -28.96 11.70
N ARG B 85 10.84 -29.26 11.73
CA ARG B 85 10.46 -30.32 12.67
C ARG B 85 10.09 -31.47 11.80
N PRO B 86 10.65 -32.64 11.97
CA PRO B 86 10.74 -33.60 10.92
C PRO B 86 9.56 -33.91 10.22
N ASP B 87 8.45 -33.81 10.83
CA ASP B 87 7.21 -34.08 10.27
C ASP B 87 6.97 -33.30 9.02
N ASN B 88 7.59 -32.12 8.82
CA ASN B 88 7.39 -31.30 7.63
C ASN B 88 7.86 -31.82 6.26
N PHE B 89 8.92 -32.60 6.17
CA PHE B 89 9.61 -32.94 4.98
C PHE B 89 8.89 -33.82 4.09
N VAL B 90 8.29 -33.45 3.02
CA VAL B 90 7.60 -34.44 2.27
C VAL B 90 8.37 -34.94 1.08
N PHE B 91 9.25 -35.96 1.14
CA PHE B 91 9.88 -36.42 -0.07
C PHE B 91 9.14 -37.41 -0.82
N GLY B 92 9.52 -37.63 -2.05
CA GLY B 92 9.12 -38.75 -2.85
C GLY B 92 10.33 -39.52 -3.26
N GLN B 93 10.16 -40.55 -4.09
CA GLN B 93 11.24 -41.42 -4.39
C GLN B 93 11.53 -41.46 -5.82
N SER B 94 10.77 -40.77 -6.64
CA SER B 94 10.98 -40.81 -8.05
C SER B 94 12.30 -40.33 -8.53
N GLY B 95 12.77 -39.18 -8.06
CA GLY B 95 13.79 -38.43 -8.76
C GLY B 95 13.09 -37.26 -9.32
N ALA B 96 13.78 -36.14 -9.49
CA ALA B 96 13.25 -34.95 -10.14
C ALA B 96 13.09 -35.18 -11.62
N GLY B 97 12.38 -36.25 -12.02
CA GLY B 97 12.44 -36.80 -13.34
C GLY B 97 11.96 -35.81 -14.28
N ASN B 98 12.86 -35.29 -15.10
CA ASN B 98 13.01 -33.88 -15.33
C ASN B 98 12.20 -33.53 -16.48
N ASN B 99 10.98 -33.85 -16.32
CA ASN B 99 10.00 -33.71 -17.25
C ASN B 99 8.92 -32.98 -16.52
N TRP B 100 8.49 -31.80 -16.91
CA TRP B 100 7.36 -31.15 -16.29
C TRP B 100 6.14 -32.03 -16.23
N ALA B 101 5.80 -32.80 -17.23
CA ALA B 101 4.55 -33.47 -17.19
C ALA B 101 4.55 -34.49 -16.15
N LYS B 102 5.72 -35.04 -15.87
CA LYS B 102 5.84 -36.12 -14.93
C LYS B 102 5.73 -35.61 -13.55
N GLY B 103 5.89 -34.32 -13.40
CA GLY B 103 5.77 -33.64 -12.17
C GLY B 103 4.49 -32.92 -12.09
N HIS B 104 3.47 -33.36 -12.74
CA HIS B 104 2.31 -32.54 -12.70
C HIS B 104 1.17 -33.31 -13.18
N TYR B 105 1.40 -34.48 -13.66
CA TYR B 105 0.45 -35.52 -13.50
C TYR B 105 1.28 -36.50 -12.75
N THR B 106 1.05 -37.79 -12.86
CA THR B 106 2.11 -38.74 -12.62
C THR B 106 2.74 -38.76 -11.29
N GLU B 107 4.00 -38.36 -11.08
CA GLU B 107 4.69 -38.69 -9.86
C GLU B 107 4.41 -37.67 -8.82
N GLY B 108 4.55 -36.39 -9.15
CA GLY B 108 4.11 -35.35 -8.24
C GLY B 108 2.64 -35.32 -8.00
N ALA B 109 1.80 -35.57 -9.02
CA ALA B 109 0.38 -35.60 -8.88
C ALA B 109 -0.09 -36.47 -7.83
N GLU B 110 0.71 -37.42 -7.49
CA GLU B 110 0.47 -38.28 -6.41
C GLU B 110 0.85 -37.62 -5.14
N LEU B 111 2.04 -37.09 -5.07
CA LEU B 111 2.56 -36.63 -3.84
C LEU B 111 1.83 -35.51 -3.22
N VAL B 112 0.93 -34.81 -3.94
CA VAL B 112 0.45 -33.48 -3.63
C VAL B 112 -0.10 -33.50 -2.28
N ASP B 113 -0.98 -34.42 -2.05
CA ASP B 113 -1.72 -34.59 -0.88
C ASP B 113 -0.91 -34.69 0.30
N SER B 114 0.22 -35.33 0.25
CA SER B 114 1.00 -35.40 1.45
C SER B 114 1.66 -34.11 1.72
N VAL B 115 1.45 -33.12 0.89
CA VAL B 115 1.88 -31.79 1.13
C VAL B 115 0.68 -31.09 1.61
N LEU B 116 -0.44 -30.93 0.86
CA LEU B 116 -1.55 -30.13 1.35
C LEU B 116 -1.88 -30.38 2.74
N ASP B 117 -1.80 -31.61 3.15
CA ASP B 117 -1.91 -32.02 4.48
C ASP B 117 -1.05 -31.28 5.37
N VAL B 118 0.22 -31.19 5.13
CA VAL B 118 1.02 -30.43 5.99
C VAL B 118 0.63 -29.00 5.83
N VAL B 119 0.37 -28.42 4.66
CA VAL B 119 -0.18 -27.08 4.74
C VAL B 119 -1.42 -26.84 5.51
N ARG B 120 -2.31 -27.77 5.80
CA ARG B 120 -3.49 -27.26 6.46
C ARG B 120 -3.25 -27.39 7.84
N LYS B 121 -2.57 -28.43 8.20
CA LYS B 121 -2.11 -28.56 9.51
C LYS B 121 -1.19 -27.46 9.82
N GLU B 122 -0.43 -26.90 8.90
CA GLU B 122 0.27 -25.70 9.26
C GLU B 122 -0.50 -24.50 9.21
N SER B 123 -1.42 -24.38 8.30
CA SER B 123 -2.11 -23.14 8.15
C SER B 123 -2.94 -22.85 9.35
N GLU B 124 -3.65 -23.81 9.82
CA GLU B 124 -4.44 -23.61 10.99
C GLU B 124 -3.72 -23.73 12.25
N SER B 125 -2.42 -23.64 12.30
CA SER B 125 -1.80 -23.55 13.60
C SER B 125 -1.39 -22.14 13.80
N CYS B 126 -1.69 -21.25 12.85
CA CYS B 126 -1.37 -19.88 13.09
C CYS B 126 -2.53 -19.02 12.83
N ASP B 127 -3.04 -18.45 13.92
CA ASP B 127 -3.61 -17.16 14.10
C ASP B 127 -4.07 -16.49 12.86
N CYS B 128 -3.36 -15.48 12.34
CA CYS B 128 -3.76 -14.98 11.07
C CYS B 128 -2.69 -15.17 10.02
N LEU B 129 -2.81 -16.25 9.27
CA LEU B 129 -2.31 -16.39 7.95
C LEU B 129 -2.17 -15.13 7.14
N GLN B 130 -1.02 -14.89 6.55
CA GLN B 130 -0.84 -13.79 5.67
C GLN B 130 -0.67 -14.14 4.20
N GLY B 131 0.22 -15.09 3.88
CA GLY B 131 0.41 -15.61 2.53
C GLY B 131 1.40 -16.72 2.50
N PHE B 132 1.75 -17.19 1.31
CA PHE B 132 2.76 -18.18 1.28
C PHE B 132 3.82 -17.78 0.39
N GLN B 133 5.04 -17.94 0.75
CA GLN B 133 6.08 -17.72 -0.14
C GLN B 133 6.41 -18.97 -0.73
N LEU B 134 6.61 -19.08 -2.00
CA LEU B 134 6.80 -20.36 -2.60
C LEU B 134 8.00 -20.19 -3.32
N THR B 135 8.99 -20.96 -3.04
CA THR B 135 10.28 -20.73 -3.63
C THR B 135 10.68 -21.80 -4.50
N HIS B 136 11.30 -21.68 -5.64
CA HIS B 136 11.40 -22.86 -6.43
C HIS B 136 12.00 -22.43 -7.64
N SER B 137 12.36 -23.26 -8.62
CA SER B 137 12.90 -22.86 -9.89
C SER B 137 12.09 -23.33 -10.97
N LEU B 138 11.94 -22.54 -11.96
CA LEU B 138 11.62 -23.05 -13.21
C LEU B 138 12.69 -23.93 -13.84
N GLY B 139 13.64 -24.54 -13.10
CA GLY B 139 14.72 -25.42 -13.59
C GLY B 139 14.46 -26.91 -13.49
N GLY B 140 14.74 -27.57 -12.34
CA GLY B 140 14.56 -28.96 -12.06
C GLY B 140 13.22 -29.55 -12.24
N GLY B 141 12.98 -30.69 -11.65
CA GLY B 141 11.81 -31.50 -11.92
C GLY B 141 10.57 -30.95 -11.31
N THR B 142 10.55 -31.14 -10.04
CA THR B 142 9.63 -30.56 -9.11
C THR B 142 9.42 -29.11 -9.20
N GLY B 143 10.17 -28.31 -9.93
CA GLY B 143 10.00 -26.91 -9.72
C GLY B 143 8.96 -26.52 -10.68
N SER B 144 9.17 -26.44 -11.95
CA SER B 144 8.15 -25.92 -12.83
C SER B 144 6.94 -26.77 -12.96
N GLY B 145 7.03 -28.07 -13.07
CA GLY B 145 5.85 -28.91 -13.07
C GLY B 145 5.25 -29.01 -11.79
N MET B 146 5.88 -29.68 -10.87
CA MET B 146 5.21 -29.88 -9.62
C MET B 146 4.89 -28.70 -8.78
N GLY B 147 5.66 -27.65 -8.78
CA GLY B 147 5.27 -26.56 -7.93
C GLY B 147 4.18 -25.78 -8.56
N THR B 148 4.13 -25.67 -9.87
CA THR B 148 3.11 -24.93 -10.55
C THR B 148 1.85 -25.68 -10.48
N LEU B 149 1.91 -26.93 -10.06
CA LEU B 149 0.68 -27.56 -9.79
C LEU B 149 0.34 -27.16 -8.44
N LEU B 150 1.25 -27.21 -7.50
CA LEU B 150 0.94 -26.98 -6.12
C LEU B 150 0.12 -25.81 -5.82
N ILE B 151 0.31 -24.73 -6.52
CA ILE B 151 -0.32 -23.50 -6.22
C ILE B 151 -1.71 -23.56 -6.62
N SER B 152 -2.01 -24.13 -7.74
CA SER B 152 -3.35 -24.43 -8.11
C SER B 152 -4.13 -25.17 -7.15
N LYS B 153 -3.54 -25.88 -6.20
CA LYS B 153 -4.39 -26.30 -5.13
C LYS B 153 -4.46 -25.26 -4.09
N ILE B 154 -3.38 -24.64 -3.67
CA ILE B 154 -3.46 -23.63 -2.66
C ILE B 154 -4.37 -22.51 -2.96
N ARG B 155 -4.27 -21.92 -4.12
CA ARG B 155 -5.13 -20.83 -4.50
C ARG B 155 -6.56 -21.16 -4.72
N GLU B 156 -6.98 -22.33 -4.38
CA GLU B 156 -8.32 -22.75 -4.33
C GLU B 156 -8.73 -23.15 -3.00
N GLU B 157 -7.83 -23.48 -2.09
CA GLU B 157 -8.25 -23.58 -0.72
C GLU B 157 -8.14 -22.32 0.02
N TYR B 158 -7.28 -21.40 -0.33
CA TYR B 158 -7.09 -20.27 0.51
C TYR B 158 -7.15 -19.06 -0.28
N PRO B 159 -8.21 -18.81 -0.95
CA PRO B 159 -8.25 -18.03 -2.14
C PRO B 159 -8.19 -16.58 -1.94
N ASP B 160 -7.56 -16.06 -0.89
CA ASP B 160 -7.48 -14.64 -0.74
C ASP B 160 -6.13 -14.20 -0.40
N ARG B 161 -5.24 -15.00 0.16
CA ARG B 161 -4.01 -14.42 0.55
C ARG B 161 -3.19 -14.11 -0.62
N ILE B 162 -2.15 -13.37 -0.38
CA ILE B 162 -1.13 -13.32 -1.33
C ILE B 162 -0.22 -14.50 -1.33
N MET B 163 0.59 -14.58 -2.38
CA MET B 163 1.38 -15.66 -2.85
C MET B 163 2.62 -15.17 -3.45
N ASN B 164 3.71 -15.08 -2.77
CA ASN B 164 4.90 -14.65 -3.43
C ASN B 164 5.59 -15.79 -4.07
N THR B 165 6.14 -15.69 -5.23
CA THR B 165 6.82 -16.80 -5.79
C THR B 165 8.10 -16.37 -6.13
N PHE B 166 9.13 -17.03 -5.71
CA PHE B 166 10.44 -16.58 -6.09
C PHE B 166 10.95 -17.49 -7.10
N SER B 167 10.89 -17.20 -8.36
CA SER B 167 11.31 -18.16 -9.31
C SER B 167 12.61 -17.84 -9.90
N VAL B 168 13.46 -18.81 -10.09
CA VAL B 168 14.78 -18.71 -10.57
C VAL B 168 14.71 -19.07 -11.99
N VAL B 169 14.14 -18.21 -12.80
CA VAL B 169 14.03 -18.32 -14.22
C VAL B 169 15.15 -18.94 -14.99
N PRO B 170 14.97 -19.39 -16.19
CA PRO B 170 15.98 -20.15 -16.86
C PRO B 170 16.91 -19.26 -17.56
N SER B 171 17.96 -18.90 -16.88
CA SER B 171 19.02 -18.00 -17.23
C SER B 171 19.62 -18.19 -18.58
N PRO B 172 19.23 -17.48 -19.59
CA PRO B 172 19.48 -17.72 -21.01
C PRO B 172 20.74 -18.38 -21.52
N LYS B 173 21.89 -17.89 -21.14
CA LYS B 173 23.11 -18.25 -21.76
C LYS B 173 23.92 -18.94 -20.75
N VAL B 174 23.35 -19.39 -19.63
CA VAL B 174 24.08 -20.16 -18.66
C VAL B 174 23.15 -21.22 -18.24
N SER B 175 22.71 -22.01 -19.20
CA SER B 175 21.78 -23.08 -18.95
C SER B 175 22.46 -24.37 -18.84
N ASP B 176 21.73 -25.31 -18.26
CA ASP B 176 21.96 -26.68 -18.38
C ASP B 176 20.91 -27.15 -19.30
N THR B 177 20.45 -28.36 -19.20
CA THR B 177 19.09 -28.66 -19.51
C THR B 177 18.64 -28.49 -20.85
N VAL B 178 18.52 -29.53 -21.60
CA VAL B 178 18.19 -29.33 -22.96
C VAL B 178 16.74 -29.12 -23.10
N VAL B 179 15.89 -29.51 -22.17
CA VAL B 179 14.52 -29.19 -22.37
C VAL B 179 14.04 -27.82 -21.96
N GLU B 180 14.76 -26.98 -21.15
CA GLU B 180 14.38 -25.66 -20.71
C GLU B 180 13.17 -25.10 -21.25
N PRO B 181 13.04 -24.76 -22.44
CA PRO B 181 11.84 -24.18 -22.90
C PRO B 181 10.63 -24.97 -22.76
N TYR B 182 10.67 -26.25 -22.69
CA TYR B 182 9.51 -26.96 -22.36
C TYR B 182 9.30 -26.71 -20.91
N ASN B 183 10.24 -27.02 -20.03
CA ASN B 183 10.02 -26.81 -18.62
C ASN B 183 9.67 -25.37 -18.21
N ALA B 184 10.13 -24.32 -18.89
CA ALA B 184 9.73 -23.01 -18.51
C ALA B 184 8.37 -22.79 -19.02
N THR B 185 8.20 -22.65 -20.30
CA THR B 185 6.93 -22.27 -20.84
C THR B 185 5.70 -22.87 -20.28
N LEU B 186 5.72 -24.13 -19.91
CA LEU B 186 4.54 -24.68 -19.32
C LEU B 186 4.22 -24.11 -18.00
N SER B 187 5.19 -23.70 -17.22
CA SER B 187 4.85 -23.17 -15.95
C SER B 187 4.52 -21.76 -16.05
N VAL B 188 5.18 -20.93 -16.85
CA VAL B 188 4.80 -19.54 -16.84
C VAL B 188 3.42 -19.23 -17.16
N HIS B 189 2.79 -19.88 -18.10
CA HIS B 189 1.36 -19.83 -18.21
C HIS B 189 0.66 -20.02 -16.93
N GLN B 190 0.89 -21.07 -16.23
CA GLN B 190 0.39 -21.18 -14.88
C GLN B 190 0.77 -20.20 -13.84
N LEU B 191 1.94 -19.61 -13.80
CA LEU B 191 2.14 -18.58 -12.86
C LEU B 191 1.32 -17.41 -13.16
N VAL B 192 1.37 -16.88 -14.36
CA VAL B 192 0.64 -15.68 -14.66
C VAL B 192 -0.82 -15.68 -14.39
N GLU B 193 -1.44 -16.75 -13.97
CA GLU B 193 -2.79 -16.68 -13.58
C GLU B 193 -2.97 -16.67 -12.13
N ASN B 194 -1.99 -17.03 -11.33
CA ASN B 194 -2.39 -17.37 -10.00
C ASN B 194 -1.29 -17.25 -9.11
N THR B 195 -0.68 -16.13 -9.04
CA THR B 195 -0.01 -15.87 -7.82
C THR B 195 0.07 -14.45 -7.92
N ASP B 196 0.20 -13.71 -6.85
CA ASP B 196 0.02 -12.30 -6.99
C ASP B 196 1.27 -11.61 -6.85
N GLU B 197 2.38 -12.29 -6.73
CA GLU B 197 3.56 -11.50 -6.74
C GLU B 197 4.77 -12.30 -7.02
N THR B 198 5.45 -12.08 -8.13
CA THR B 198 6.39 -13.05 -8.60
C THR B 198 7.72 -12.55 -8.86
N TYR B 199 8.81 -13.08 -8.40
CA TYR B 199 10.05 -12.38 -8.60
C TYR B 199 11.13 -12.93 -9.46
N CYS B 200 11.39 -12.58 -10.68
CA CYS B 200 12.37 -13.36 -11.41
C CYS B 200 13.83 -13.12 -11.20
N ILE B 201 14.59 -14.09 -10.73
CA ILE B 201 16.00 -14.02 -10.52
C ILE B 201 16.70 -14.87 -11.49
N ASP B 202 17.82 -14.51 -12.13
CA ASP B 202 18.41 -15.38 -13.10
C ASP B 202 19.83 -15.59 -12.86
N ASN B 203 20.22 -16.83 -12.81
CA ASN B 203 21.56 -17.20 -12.59
C ASN B 203 22.65 -16.51 -13.27
N GLU B 204 22.55 -15.94 -14.46
CA GLU B 204 23.77 -15.37 -14.91
C GLU B 204 23.81 -13.96 -14.63
N ALA B 205 22.67 -13.37 -14.40
CA ALA B 205 22.63 -11.99 -14.02
C ALA B 205 23.03 -11.99 -12.62
N LEU B 206 22.73 -13.08 -11.97
CA LEU B 206 23.06 -13.29 -10.65
C LEU B 206 24.49 -13.48 -10.60
N TYR B 207 25.08 -14.34 -11.38
CA TYR B 207 26.51 -14.51 -11.49
C TYR B 207 27.26 -13.25 -11.45
N ASP B 208 27.02 -12.47 -12.47
CA ASP B 208 27.59 -11.25 -12.90
C ASP B 208 27.91 -10.48 -11.72
N ILE B 209 26.87 -10.11 -11.04
CA ILE B 209 26.93 -9.36 -9.83
C ILE B 209 27.87 -9.88 -8.78
N CYS B 210 28.37 -11.09 -8.91
CA CYS B 210 29.21 -11.60 -7.93
C CYS B 210 30.62 -11.61 -8.37
N PHE B 211 30.95 -11.44 -9.62
CA PHE B 211 32.37 -11.42 -9.80
C PHE B 211 32.72 -10.05 -10.10
N ARG B 212 31.77 -9.14 -10.37
CA ARG B 212 32.24 -7.85 -10.77
C ARG B 212 31.77 -6.89 -9.81
N THR B 213 30.74 -7.11 -9.04
CA THR B 213 30.26 -6.07 -8.18
C THR B 213 30.65 -6.38 -6.83
N LEU B 214 30.40 -7.59 -6.41
CA LEU B 214 31.39 -8.18 -5.58
C LEU B 214 32.60 -8.50 -6.40
N LYS B 215 33.77 -8.73 -5.82
CA LYS B 215 34.82 -9.23 -6.65
C LYS B 215 35.24 -10.44 -6.03
N LEU B 216 34.52 -11.48 -6.37
CA LEU B 216 34.76 -12.76 -5.88
C LEU B 216 35.26 -13.50 -7.02
N THR B 217 36.26 -14.35 -6.77
CA THR B 217 36.83 -15.25 -7.73
C THR B 217 35.94 -16.36 -8.17
N THR B 218 35.31 -17.05 -7.19
CA THR B 218 34.67 -18.33 -7.35
C THR B 218 33.27 -18.39 -6.90
N PRO B 219 32.34 -18.11 -7.72
CA PRO B 219 31.00 -18.04 -7.28
C PRO B 219 30.37 -19.38 -7.36
N THR B 220 30.53 -20.18 -6.31
CA THR B 220 29.72 -21.25 -5.78
C THR B 220 28.22 -21.15 -5.98
N TYR B 221 27.40 -22.17 -6.29
CA TYR B 221 25.97 -22.05 -6.34
C TYR B 221 25.56 -21.57 -4.97
N GLY B 222 26.05 -22.17 -3.90
CA GLY B 222 25.93 -21.60 -2.55
C GLY B 222 26.03 -20.11 -2.23
N ASP B 223 26.98 -19.37 -2.77
CA ASP B 223 27.10 -17.93 -2.64
C ASP B 223 25.98 -17.26 -3.23
N LEU B 224 25.86 -17.33 -4.51
CA LEU B 224 24.65 -16.94 -5.13
C LEU B 224 23.36 -17.14 -4.41
N ASN B 225 23.06 -18.35 -4.01
CA ASN B 225 21.93 -18.60 -3.18
C ASN B 225 21.90 -17.64 -2.02
N HIS B 226 23.01 -17.55 -1.30
CA HIS B 226 23.13 -16.58 -0.22
C HIS B 226 22.78 -15.15 -0.52
N LEU B 227 23.21 -14.66 -1.62
CA LEU B 227 22.76 -13.39 -2.07
C LEU B 227 21.32 -13.30 -2.28
N VAL B 228 20.64 -14.24 -2.93
CA VAL B 228 19.20 -14.24 -3.06
C VAL B 228 18.54 -14.13 -1.80
N SER B 229 18.83 -14.94 -0.82
CA SER B 229 18.11 -14.66 0.41
C SER B 229 18.10 -13.26 1.00
N ALA B 230 19.04 -12.39 0.75
CA ALA B 230 18.94 -11.11 1.33
C ALA B 230 17.84 -10.39 0.71
N THR B 231 17.50 -10.58 -0.53
CA THR B 231 16.38 -9.84 -1.02
C THR B 231 15.22 -10.41 -0.44
N MET B 232 15.03 -11.68 -0.33
CA MET B 232 13.86 -12.05 0.43
C MET B 232 13.77 -11.81 1.89
N SER B 233 14.78 -11.49 2.67
CA SER B 233 14.46 -11.17 4.05
C SER B 233 14.05 -9.78 3.98
N GLY B 234 14.67 -9.07 3.08
CA GLY B 234 14.60 -7.66 2.94
C GLY B 234 13.28 -7.21 2.55
N VAL B 235 12.54 -7.88 1.70
CA VAL B 235 11.20 -7.49 1.43
C VAL B 235 10.41 -7.63 2.65
N THR B 236 9.90 -8.76 2.90
CA THR B 236 9.04 -9.01 3.98
C THR B 236 9.59 -8.73 5.30
N THR B 237 10.18 -9.74 6.01
CA THR B 237 10.72 -9.69 7.35
C THR B 237 10.91 -8.34 7.86
N CYS B 238 11.63 -7.45 7.13
CA CYS B 238 11.77 -6.08 7.52
C CYS B 238 10.56 -5.43 8.02
N LEU B 239 9.52 -5.23 7.26
CA LEU B 239 8.28 -4.74 7.86
C LEU B 239 7.73 -5.47 9.05
N ARG B 240 8.16 -6.63 9.42
CA ARG B 240 7.83 -7.24 10.66
C ARG B 240 8.79 -6.92 11.67
N PHE B 241 9.37 -5.75 11.58
CA PHE B 241 10.03 -5.02 12.60
C PHE B 241 9.40 -3.66 12.58
N PRO B 242 9.60 -2.71 13.47
CA PRO B 242 8.90 -1.46 13.59
C PRO B 242 8.94 -0.55 12.41
N GLY B 243 8.89 0.76 12.50
CA GLY B 243 9.35 1.49 11.33
C GLY B 243 9.40 2.95 11.39
N GLN B 244 9.06 3.59 10.30
CA GLN B 244 8.93 4.99 10.17
C GLN B 244 7.79 4.86 9.33
N LEU B 245 7.74 5.28 8.12
CA LEU B 245 6.69 4.87 7.27
C LEU B 245 6.87 3.41 7.07
N ASN B 246 5.83 2.60 7.03
CA ASN B 246 5.88 1.17 6.93
C ASN B 246 4.93 0.82 5.87
N ALA B 247 5.40 0.28 4.77
CA ALA B 247 4.53 -0.30 3.78
C ALA B 247 4.09 -1.66 4.25
N ASP B 248 4.13 -2.70 3.40
CA ASP B 248 4.15 -4.15 3.68
C ASP B 248 3.52 -4.95 2.57
N LEU B 249 3.96 -6.18 2.40
CA LEU B 249 3.35 -7.23 1.67
C LEU B 249 2.05 -7.04 1.08
N ARG B 250 1.02 -6.74 1.79
CA ARG B 250 -0.12 -6.40 1.00
C ARG B 250 0.15 -5.16 0.16
N LYS B 251 0.43 -4.05 0.81
CA LYS B 251 0.83 -2.79 0.29
C LYS B 251 1.77 -2.87 -0.86
N LEU B 252 2.93 -3.53 -0.76
CA LEU B 252 3.95 -3.56 -1.81
C LEU B 252 3.39 -3.98 -3.03
N ALA B 253 2.57 -4.96 -2.94
CA ALA B 253 1.89 -5.44 -4.06
C ALA B 253 0.89 -4.47 -4.43
N VAL B 254 0.14 -4.03 -3.46
CA VAL B 254 -0.90 -3.11 -3.75
C VAL B 254 -0.52 -1.73 -4.19
N ASN B 255 0.76 -1.51 -4.34
CA ASN B 255 1.20 -0.34 -4.96
C ASN B 255 1.72 -0.68 -6.29
N MET B 256 1.82 -1.92 -6.79
CA MET B 256 2.44 -2.01 -8.10
C MET B 256 1.47 -2.09 -9.18
N VAL B 257 0.66 -3.09 -9.21
CA VAL B 257 0.33 -3.55 -10.48
C VAL B 257 -0.73 -2.81 -11.25
N PRO B 258 -0.46 -2.14 -12.29
CA PRO B 258 -1.38 -1.26 -12.86
C PRO B 258 -2.43 -1.89 -13.64
N PHE B 259 -2.57 -3.14 -13.66
CA PHE B 259 -3.73 -3.69 -14.26
C PHE B 259 -3.65 -4.99 -13.54
N PRO B 260 -3.75 -6.21 -14.03
CA PRO B 260 -3.72 -7.27 -13.08
C PRO B 260 -2.91 -8.38 -13.58
N ARG B 261 -2.14 -8.27 -14.66
CA ARG B 261 -1.41 -9.42 -15.17
C ARG B 261 -0.19 -9.60 -14.37
N LEU B 262 -0.37 -10.00 -13.12
CA LEU B 262 0.55 -10.35 -12.10
C LEU B 262 1.80 -9.60 -11.94
N HIS B 263 2.62 -9.59 -12.93
CA HIS B 263 3.68 -8.70 -13.01
C HIS B 263 4.79 -9.06 -12.15
N PHE B 264 5.93 -9.14 -12.77
CA PHE B 264 6.98 -9.83 -12.19
C PHE B 264 8.06 -8.90 -11.91
N PHE B 265 8.75 -9.03 -10.86
CA PHE B 265 9.52 -7.95 -10.42
C PHE B 265 10.92 -8.24 -10.59
N MET B 266 11.86 -7.51 -10.04
CA MET B 266 13.24 -7.70 -10.21
C MET B 266 13.96 -7.29 -9.04
N PRO B 267 14.48 -7.98 -8.22
CA PRO B 267 15.05 -7.49 -7.01
C PRO B 267 16.32 -6.79 -7.15
N GLY B 268 16.75 -5.89 -6.30
CA GLY B 268 18.10 -5.38 -6.39
C GLY B 268 18.50 -5.16 -5.02
N PHE B 269 19.64 -5.54 -4.51
CA PHE B 269 19.93 -5.34 -3.12
C PHE B 269 20.67 -4.08 -3.01
N ALA B 270 21.41 -3.74 -1.93
CA ALA B 270 22.08 -2.48 -2.04
C ALA B 270 23.31 -2.14 -1.35
N PRO B 271 23.87 -2.38 -0.31
CA PRO B 271 25.22 -1.98 -0.07
C PRO B 271 26.15 -3.10 -0.37
N LEU B 272 26.39 -3.54 -1.62
CA LEU B 272 27.38 -4.58 -1.87
C LEU B 272 28.78 -4.07 -1.93
N THR B 273 29.69 -4.41 -1.04
CA THR B 273 31.05 -3.92 -1.11
C THR B 273 31.97 -5.03 -1.27
N SER B 274 32.89 -5.00 -2.24
CA SER B 274 33.82 -6.07 -2.45
C SER B 274 34.93 -6.21 -1.49
N ARG B 275 34.61 -6.64 -0.31
CA ARG B 275 35.55 -7.13 0.63
C ARG B 275 36.59 -6.20 1.04
N GLY B 276 37.82 -6.45 0.67
CA GLY B 276 38.87 -5.61 1.15
C GLY B 276 38.84 -4.33 0.41
N SER B 277 38.16 -4.30 -0.73
CA SER B 277 38.31 -3.19 -1.62
C SER B 277 37.34 -2.16 -1.35
N GLN B 278 36.60 -2.22 -0.30
CA GLN B 278 35.68 -1.18 -0.17
C GLN B 278 35.48 -0.99 1.24
N GLN B 279 36.52 -0.44 1.85
CA GLN B 279 36.48 0.18 3.13
C GLN B 279 36.87 1.58 2.97
N TYR B 280 36.27 2.16 1.96
CA TYR B 280 36.19 3.54 1.75
C TYR B 280 34.91 3.99 2.47
N ARG B 281 35.02 4.68 3.71
CA ARG B 281 33.98 5.20 4.69
C ARG B 281 33.08 6.19 4.04
N ALA B 282 31.85 5.79 3.69
CA ALA B 282 31.10 6.40 2.62
C ALA B 282 29.67 5.94 2.51
N LEU B 283 28.99 5.63 3.63
CA LEU B 283 27.60 5.22 3.60
C LEU B 283 26.59 6.31 3.87
N THR B 284 25.66 6.59 2.97
CA THR B 284 24.65 7.58 3.22
C THR B 284 23.41 7.15 2.64
N VAL B 285 22.93 7.82 1.68
CA VAL B 285 21.79 7.43 1.04
C VAL B 285 22.04 7.87 -0.28
N PRO B 286 22.75 8.84 -0.70
CA PRO B 286 22.91 8.95 -2.11
C PRO B 286 23.58 7.82 -2.80
N GLU B 287 24.37 7.01 -2.12
CA GLU B 287 24.98 5.88 -2.73
C GLU B 287 24.01 4.80 -2.81
N LEU B 288 23.06 4.68 -1.90
CA LEU B 288 22.26 3.52 -1.86
C LEU B 288 21.42 3.62 -2.99
N THR B 289 20.91 4.75 -3.34
CA THR B 289 20.27 4.86 -4.62
C THR B 289 21.17 4.83 -5.73
N GLN B 290 22.38 5.31 -5.54
CA GLN B 290 23.30 5.29 -6.63
C GLN B 290 23.50 3.95 -7.20
N GLN B 291 23.88 3.02 -6.35
CA GLN B 291 23.89 1.60 -6.50
C GLN B 291 22.57 1.15 -7.02
N MET B 292 21.58 0.79 -6.24
CA MET B 292 20.28 0.37 -6.69
C MET B 292 19.81 0.65 -8.03
N PHE B 293 19.84 1.84 -8.56
CA PHE B 293 19.18 1.97 -9.83
C PHE B 293 20.07 1.64 -10.95
N ASP B 294 21.26 1.13 -10.69
CA ASP B 294 22.27 0.89 -11.64
C ASP B 294 22.05 -0.38 -12.37
N ALA B 295 21.93 -0.40 -13.67
CA ALA B 295 21.57 -1.55 -14.43
C ALA B 295 22.45 -2.75 -14.36
N LYS B 296 23.35 -2.83 -13.42
CA LYS B 296 24.14 -3.97 -13.12
C LYS B 296 24.12 -4.11 -11.65
N ASN B 297 22.93 -3.90 -11.11
CA ASN B 297 22.65 -4.39 -9.84
C ASN B 297 21.25 -4.78 -9.87
N MET B 298 20.80 -5.31 -10.99
CA MET B 298 19.61 -6.07 -11.04
C MET B 298 19.85 -7.50 -10.89
N MET B 299 19.13 -8.23 -10.09
CA MET B 299 19.18 -9.60 -10.16
C MET B 299 18.33 -10.13 -11.20
N ALA B 300 18.17 -9.57 -12.36
CA ALA B 300 17.37 -10.30 -13.26
C ALA B 300 17.63 -9.86 -14.61
N ALA B 301 17.34 -10.71 -15.60
CA ALA B 301 17.88 -10.67 -16.90
C ALA B 301 18.31 -9.39 -17.46
N CYS B 302 17.37 -8.59 -17.90
CA CYS B 302 17.64 -7.48 -18.75
C CYS B 302 18.07 -6.28 -18.01
N ASP B 303 18.49 -5.27 -18.73
CA ASP B 303 18.95 -4.04 -18.25
C ASP B 303 17.71 -3.19 -18.32
N PRO B 304 17.30 -2.52 -17.31
CA PRO B 304 16.11 -1.72 -17.26
C PRO B 304 15.91 -0.88 -18.48
N ARG B 305 17.00 -0.33 -18.88
CA ARG B 305 17.28 0.70 -19.79
C ARG B 305 16.68 0.59 -21.12
N HIS B 306 16.01 -0.49 -21.48
CA HIS B 306 15.38 -0.55 -22.76
C HIS B 306 13.93 -0.34 -22.66
N GLY B 307 13.50 0.18 -21.55
CA GLY B 307 12.09 0.33 -21.36
C GLY B 307 11.84 1.19 -20.20
N ARG B 308 10.79 0.94 -19.48
CA ARG B 308 10.38 1.84 -18.49
C ARG B 308 10.42 1.10 -17.21
N TYR B 309 10.04 1.71 -16.13
CA TYR B 309 9.68 1.00 -14.96
C TYR B 309 8.33 1.37 -14.89
N LEU B 310 7.50 0.66 -14.22
CA LEU B 310 6.16 1.12 -14.02
C LEU B 310 6.08 1.51 -12.62
N THR B 311 6.65 0.83 -11.68
CA THR B 311 6.52 1.15 -10.31
C THR B 311 7.79 0.77 -9.75
N VAL B 312 8.21 1.19 -8.63
CA VAL B 312 9.51 0.89 -8.15
C VAL B 312 9.32 0.81 -6.70
N ALA B 313 9.94 0.04 -5.84
CA ALA B 313 9.58 0.23 -4.49
C ALA B 313 10.66 0.15 -3.54
N ALA B 314 11.29 1.18 -3.14
CA ALA B 314 12.44 1.02 -2.34
C ALA B 314 12.42 0.85 -0.87
N VAL B 315 12.55 -0.30 -0.30
CA VAL B 315 12.35 -0.48 1.11
C VAL B 315 13.55 -0.30 2.04
N PHE B 316 13.93 0.87 2.47
CA PHE B 316 15.23 1.10 3.07
C PHE B 316 15.28 0.61 4.39
N ARG B 317 16.38 0.33 5.01
CA ARG B 317 16.20 0.00 6.37
C ARG B 317 17.27 0.23 7.33
N GLY B 318 17.47 1.44 7.81
CA GLY B 318 18.26 1.63 9.04
C GLY B 318 17.90 2.94 9.65
N ARG B 319 18.74 3.60 10.43
CA ARG B 319 18.47 5.00 10.71
C ARG B 319 18.50 5.96 9.57
N MET B 320 17.54 6.85 9.35
CA MET B 320 17.85 7.87 8.39
C MET B 320 17.01 9.05 8.41
N SER B 321 17.53 10.14 7.95
CA SER B 321 16.80 11.31 7.68
C SER B 321 15.82 11.07 6.64
N MET B 322 14.62 10.81 7.01
CA MET B 322 13.56 10.46 6.16
C MET B 322 13.26 11.42 5.10
N LYS B 323 13.93 12.50 5.03
CA LYS B 323 13.72 13.54 4.09
C LYS B 323 14.64 13.23 3.01
N GLU B 324 15.89 12.95 3.35
CA GLU B 324 16.93 12.85 2.40
C GLU B 324 16.75 11.67 1.60
N VAL B 325 15.79 10.85 1.91
CA VAL B 325 15.49 9.67 1.23
C VAL B 325 14.49 10.20 0.31
N ASP B 326 13.41 10.71 0.80
CA ASP B 326 12.32 11.21 0.04
C ASP B 326 12.67 12.15 -0.99
N GLU B 327 13.69 12.90 -0.74
CA GLU B 327 14.25 13.64 -1.79
C GLU B 327 14.91 12.82 -2.82
N GLN B 328 15.93 12.06 -2.47
CA GLN B 328 16.77 11.36 -3.36
C GLN B 328 16.02 10.76 -4.46
N MET B 329 15.08 9.90 -4.10
CA MET B 329 14.07 9.32 -4.91
C MET B 329 13.43 10.20 -5.87
N LEU B 330 13.24 11.42 -5.51
CA LEU B 330 12.75 12.41 -6.38
C LEU B 330 13.72 12.62 -7.44
N ASN B 331 14.94 13.05 -7.14
CA ASN B 331 15.94 13.31 -8.14
C ASN B 331 16.04 12.26 -9.19
N VAL B 332 16.08 11.03 -8.74
CA VAL B 332 16.03 9.88 -9.57
C VAL B 332 14.89 9.84 -10.47
N GLN B 333 13.74 10.25 -10.04
CA GLN B 333 12.62 10.37 -10.92
C GLN B 333 12.75 11.49 -11.88
N ASN B 334 13.69 12.41 -11.71
CA ASN B 334 13.88 13.46 -12.67
C ASN B 334 15.05 13.32 -13.56
N LYS B 335 16.16 12.76 -13.10
CA LYS B 335 17.28 12.64 -14.00
C LYS B 335 17.04 11.69 -15.08
N ASN B 336 16.17 10.73 -14.90
CA ASN B 336 16.02 9.72 -15.88
C ASN B 336 14.64 9.79 -16.30
N SER B 337 14.09 10.98 -16.23
CA SER B 337 12.72 11.26 -16.51
C SER B 337 12.26 10.76 -17.82
N SER B 338 13.20 10.53 -18.70
CA SER B 338 12.98 10.02 -20.01
C SER B 338 12.18 8.78 -20.03
N TYR B 339 12.50 7.82 -19.20
CA TYR B 339 11.95 6.54 -19.44
C TYR B 339 11.11 6.02 -18.38
N PHE B 340 10.63 6.82 -17.47
CA PHE B 340 10.03 6.30 -16.29
C PHE B 340 8.54 6.19 -16.34
N VAL B 341 7.94 6.32 -17.48
CA VAL B 341 6.53 6.37 -17.51
C VAL B 341 6.01 7.70 -17.10
N GLU B 342 5.28 8.30 -18.03
CA GLU B 342 4.84 9.67 -18.08
C GLU B 342 3.36 9.66 -17.94
N TRP B 343 2.78 8.73 -17.22
CA TRP B 343 1.37 8.72 -17.15
C TRP B 343 1.07 7.88 -16.02
N ILE B 344 2.01 7.74 -15.13
CA ILE B 344 1.75 7.38 -13.79
C ILE B 344 2.56 8.47 -13.18
N PRO B 345 2.43 8.93 -11.99
CA PRO B 345 2.71 10.32 -11.84
C PRO B 345 3.71 10.41 -10.81
N ASN B 346 3.96 9.33 -10.19
CA ASN B 346 4.98 9.24 -9.28
C ASN B 346 5.22 7.76 -9.35
N ASN B 347 6.38 7.23 -8.99
CA ASN B 347 6.56 5.84 -9.22
C ASN B 347 7.03 5.22 -8.00
N VAL B 348 7.95 5.81 -7.31
CA VAL B 348 8.54 5.20 -6.19
C VAL B 348 7.56 4.86 -5.14
N LYS B 349 7.65 3.79 -4.43
CA LYS B 349 6.93 3.66 -3.22
C LYS B 349 7.88 3.44 -2.15
N THR B 350 8.32 4.37 -1.43
CA THR B 350 9.28 4.22 -0.39
C THR B 350 8.78 3.62 0.79
N ALA B 351 9.44 2.74 1.45
CA ALA B 351 9.05 2.31 2.74
C ALA B 351 10.17 2.32 3.65
N VAL B 352 10.14 2.45 4.95
CA VAL B 352 11.42 2.43 5.59
C VAL B 352 11.33 1.78 6.87
N CYS B 353 11.80 0.58 7.02
CA CYS B 353 11.79 -0.10 8.28
C CYS B 353 12.85 0.30 9.10
N ASP B 354 13.19 -0.39 10.13
CA ASP B 354 14.02 0.28 11.02
C ASP B 354 14.80 -0.65 11.81
N ILE B 355 15.60 -1.48 11.21
CA ILE B 355 16.66 -2.08 12.00
C ILE B 355 17.72 -2.50 10.97
N PRO B 356 19.01 -2.61 11.12
CA PRO B 356 19.89 -2.83 10.00
C PRO B 356 20.01 -4.29 9.78
N PRO B 357 20.51 -4.86 8.73
CA PRO B 357 20.74 -6.26 8.69
C PRO B 357 22.07 -6.61 9.24
N ARG B 358 22.15 -6.89 10.53
CA ARG B 358 23.31 -7.41 11.20
C ARG B 358 24.62 -6.70 11.25
N GLY B 359 25.44 -6.80 10.23
CA GLY B 359 26.73 -6.18 10.29
C GLY B 359 26.64 -4.84 9.72
N LEU B 360 25.87 -4.68 8.65
CA LEU B 360 25.73 -3.50 7.89
C LEU B 360 25.32 -2.27 8.64
N LYS B 361 24.95 -1.20 7.96
CA LYS B 361 24.38 -0.10 8.67
C LYS B 361 23.25 0.44 7.90
N MET B 362 22.81 -0.19 6.84
CA MET B 362 21.56 0.09 6.22
C MET B 362 21.58 -0.44 4.87
N SER B 363 20.50 -0.96 4.38
CA SER B 363 20.46 -1.73 3.21
C SER B 363 19.30 -1.41 2.49
N ALA B 364 19.01 -1.85 1.31
CA ALA B 364 17.79 -1.41 0.83
C ALA B 364 17.30 -2.02 -0.37
N THR B 365 16.35 -2.86 -0.30
CA THR B 365 15.92 -3.65 -1.41
C THR B 365 15.17 -3.00 -2.44
N PHE B 366 15.25 -3.28 -3.67
CA PHE B 366 14.63 -2.57 -4.69
C PHE B 366 13.75 -3.48 -5.30
N ILE B 367 12.52 -3.22 -5.63
CA ILE B 367 11.75 -4.17 -6.36
C ILE B 367 11.20 -3.58 -7.60
N GLY B 368 11.78 -3.68 -8.74
CA GLY B 368 11.46 -2.79 -9.84
C GLY B 368 10.45 -3.43 -10.63
N ASN B 369 9.46 -2.86 -11.17
CA ASN B 369 8.53 -3.61 -11.98
C ASN B 369 8.65 -3.32 -13.43
N SER B 370 9.71 -3.58 -14.14
CA SER B 370 9.97 -2.94 -15.42
C SER B 370 9.29 -3.49 -16.62
N THR B 371 9.06 -2.74 -17.68
CA THR B 371 8.74 -3.32 -18.97
C THR B 371 9.86 -4.00 -19.64
N ALA B 372 11.05 -3.96 -19.11
CA ALA B 372 12.20 -4.60 -19.62
C ALA B 372 11.98 -6.10 -19.62
N ILE B 373 11.17 -6.63 -18.73
CA ILE B 373 10.71 -7.98 -18.70
C ILE B 373 9.93 -8.38 -19.90
N GLN B 374 9.82 -7.61 -20.94
CA GLN B 374 9.49 -8.22 -22.19
C GLN B 374 10.66 -9.13 -22.60
N GLU B 375 11.89 -8.62 -22.50
CA GLU B 375 13.18 -9.19 -22.81
C GLU B 375 13.62 -10.30 -21.99
N LEU B 376 12.72 -11.11 -21.62
CA LEU B 376 13.12 -12.32 -21.06
C LEU B 376 12.24 -13.31 -21.65
N PHE B 377 10.99 -13.03 -21.70
CA PHE B 377 10.06 -13.89 -22.29
C PHE B 377 10.11 -13.94 -23.74
N LYS B 378 10.61 -12.94 -24.42
CA LYS B 378 10.93 -13.22 -25.79
C LYS B 378 11.97 -14.25 -25.91
N ARG B 379 13.14 -14.03 -25.33
CA ARG B 379 14.20 -14.99 -25.29
C ARG B 379 13.73 -16.37 -25.05
N ILE B 380 13.26 -16.72 -23.89
CA ILE B 380 12.58 -17.99 -23.69
C ILE B 380 11.62 -18.44 -24.72
N SER B 381 10.55 -17.73 -25.00
CA SER B 381 9.65 -18.10 -26.03
C SER B 381 10.30 -18.35 -27.33
N GLU B 382 11.36 -17.67 -27.68
CA GLU B 382 12.04 -18.04 -28.88
C GLU B 382 12.58 -19.43 -28.92
N GLN B 383 13.54 -19.76 -28.05
CA GLN B 383 14.01 -21.10 -27.93
C GLN B 383 12.99 -22.14 -27.95
N PHE B 384 11.87 -21.98 -27.28
CA PHE B 384 10.79 -22.87 -27.43
C PHE B 384 10.29 -23.00 -28.78
N THR B 385 9.54 -22.07 -29.32
CA THR B 385 9.03 -22.16 -30.66
C THR B 385 9.94 -22.77 -31.66
N ALA B 386 11.18 -22.29 -31.72
CA ALA B 386 12.16 -22.89 -32.59
C ALA B 386 12.37 -24.37 -32.42
N MET B 387 12.18 -24.95 -31.25
CA MET B 387 12.58 -26.29 -31.08
C MET B 387 11.32 -27.02 -31.05
N PHE B 388 10.22 -26.47 -30.65
CA PHE B 388 8.95 -27.06 -30.83
C PHE B 388 8.64 -27.23 -32.22
N ARG B 389 8.87 -26.24 -33.02
CA ARG B 389 8.71 -26.27 -34.43
C ARG B 389 8.94 -27.61 -35.12
N ARG B 390 9.97 -28.41 -34.76
CA ARG B 390 10.18 -29.75 -35.26
C ARG B 390 9.76 -30.77 -34.25
N LYS B 391 8.77 -30.57 -33.41
CA LYS B 391 8.27 -31.46 -32.39
C LYS B 391 9.24 -32.00 -31.47
N ALA B 392 10.32 -31.32 -31.36
CA ALA B 392 11.55 -31.96 -31.39
C ALA B 392 12.02 -32.48 -30.10
N PHE B 393 11.18 -32.86 -29.18
CA PHE B 393 11.73 -33.56 -28.07
C PHE B 393 10.61 -34.07 -27.37
N LEU B 394 9.54 -34.25 -28.06
CA LEU B 394 8.32 -33.96 -27.44
C LEU B 394 7.90 -35.08 -26.61
N HIS B 395 8.30 -36.22 -27.02
CA HIS B 395 7.85 -37.39 -26.40
C HIS B 395 8.10 -37.62 -24.96
N TRP B 396 9.12 -37.03 -24.31
CA TRP B 396 9.32 -37.35 -22.90
C TRP B 396 8.17 -36.67 -22.19
N TYR B 397 7.43 -35.77 -22.90
CA TYR B 397 6.24 -35.12 -22.45
C TYR B 397 5.09 -35.91 -22.91
N THR B 398 4.80 -36.10 -24.19
CA THR B 398 3.50 -36.63 -24.61
C THR B 398 3.07 -37.79 -23.86
N GLY B 399 3.96 -38.75 -23.78
CA GLY B 399 3.78 -39.96 -23.04
C GLY B 399 3.43 -39.89 -21.61
N GLU B 400 3.42 -38.75 -20.95
CA GLU B 400 2.93 -38.73 -19.59
C GLU B 400 1.51 -38.35 -19.48
N GLY B 401 0.86 -38.24 -20.64
CA GLY B 401 -0.57 -38.12 -20.74
C GLY B 401 -0.93 -36.72 -20.91
N MET B 402 -0.17 -35.96 -21.64
CA MET B 402 -0.62 -34.66 -21.90
C MET B 402 -0.46 -34.59 -23.35
N ASP B 403 -1.29 -33.78 -23.94
CA ASP B 403 -1.42 -33.61 -25.33
C ASP B 403 -0.31 -32.76 -25.82
N GLU B 404 -0.30 -32.53 -27.09
CA GLU B 404 0.49 -31.52 -27.69
C GLU B 404 -0.14 -30.20 -27.40
N MET B 405 -1.38 -30.11 -26.96
CA MET B 405 -2.06 -28.93 -27.40
C MET B 405 -1.84 -27.86 -26.43
N GLU B 406 -1.38 -28.34 -25.31
CA GLU B 406 -0.91 -27.62 -24.21
C GLU B 406 0.26 -26.91 -24.65
N PHE B 407 1.17 -27.51 -25.41
CA PHE B 407 2.37 -26.83 -25.88
C PHE B 407 2.05 -25.65 -26.76
N THR B 408 1.06 -25.76 -27.62
CA THR B 408 0.51 -24.59 -28.26
C THR B 408 -0.02 -23.54 -27.36
N GLU B 409 -0.94 -23.94 -26.49
CA GLU B 409 -1.71 -23.15 -25.57
C GLU B 409 -0.86 -22.18 -24.87
N ALA B 410 0.00 -22.75 -24.03
CA ALA B 410 0.99 -22.12 -23.22
C ALA B 410 1.75 -21.15 -24.01
N GLU B 411 2.45 -21.52 -25.07
CA GLU B 411 3.05 -20.51 -25.89
C GLU B 411 2.23 -19.34 -26.27
N SER B 412 1.12 -19.53 -26.96
CA SER B 412 0.22 -18.45 -27.34
C SER B 412 -0.08 -17.49 -26.24
N ASN B 413 -0.77 -18.04 -25.26
CA ASN B 413 -1.00 -17.45 -24.00
C ASN B 413 0.15 -16.68 -23.51
N MET B 414 1.20 -17.37 -23.09
CA MET B 414 2.32 -16.69 -22.55
C MET B 414 2.90 -15.71 -23.43
N ASN B 415 2.86 -15.89 -24.72
CA ASN B 415 3.40 -14.94 -25.60
C ASN B 415 2.57 -13.71 -25.58
N ASP B 416 1.26 -13.85 -25.48
CA ASP B 416 0.41 -12.69 -25.49
C ASP B 416 0.69 -11.78 -24.32
N LEU B 417 0.91 -12.35 -23.17
CA LEU B 417 1.36 -11.55 -22.07
C LEU B 417 2.53 -10.67 -22.36
N VAL B 418 3.47 -11.03 -23.22
CA VAL B 418 4.58 -10.17 -23.51
C VAL B 418 4.10 -9.01 -24.23
N SER B 419 3.20 -9.24 -25.17
CA SER B 419 2.47 -8.15 -25.76
C SER B 419 2.04 -7.12 -24.74
N GLU B 420 1.17 -7.45 -23.79
CA GLU B 420 0.85 -6.52 -22.73
C GLU B 420 1.94 -5.68 -22.17
N TYR B 421 3.01 -6.22 -21.61
CA TYR B 421 4.17 -5.44 -21.33
C TYR B 421 4.77 -4.58 -22.30
N GLN B 422 4.59 -4.81 -23.57
CA GLN B 422 5.03 -3.83 -24.46
C GLN B 422 4.09 -2.68 -24.60
N GLN B 423 2.80 -2.83 -24.36
CA GLN B 423 1.91 -1.70 -24.47
C GLN B 423 2.19 -0.56 -23.58
N TYR B 424 3.01 -0.80 -22.59
CA TYR B 424 3.29 0.15 -21.56
C TYR B 424 4.74 0.37 -21.62
N GLN B 425 5.31 0.01 -22.76
CA GLN B 425 6.63 0.39 -23.13
C GLN B 425 6.46 1.69 -23.86
N ASP B 426 5.21 2.16 -23.94
CA ASP B 426 4.85 3.38 -24.54
C ASP B 426 4.60 4.51 -23.51
N MET C 1 -41.83 -16.86 -45.80
CA MET C 1 -40.59 -16.12 -45.43
C MET C 1 -39.57 -16.99 -44.70
N LYS C 2 -38.29 -16.54 -44.54
CA LYS C 2 -37.21 -17.37 -44.00
C LYS C 2 -36.84 -17.07 -42.53
N SER C 3 -37.58 -16.12 -41.91
CA SER C 3 -37.62 -15.74 -40.48
C SER C 3 -38.08 -16.81 -39.42
N ILE C 4 -37.58 -16.70 -38.17
CA ILE C 4 -38.13 -17.45 -37.04
C ILE C 4 -39.17 -16.62 -36.30
N GLN C 5 -39.14 -15.28 -36.44
CA GLN C 5 -40.03 -14.33 -35.79
C GLN C 5 -39.80 -14.14 -34.31
N ASP C 6 -40.19 -15.13 -33.50
CA ASP C 6 -40.25 -15.08 -32.05
C ASP C 6 -38.86 -14.89 -31.40
N CYS C 7 -38.60 -13.63 -31.00
CA CYS C 7 -37.32 -13.11 -30.55
C CYS C 7 -36.32 -12.88 -31.68
N GLU C 8 -36.75 -12.83 -32.95
CA GLU C 8 -35.83 -12.79 -34.08
C GLU C 8 -34.69 -11.78 -34.06
N PRO C 9 -34.91 -10.46 -34.18
CA PRO C 9 -33.82 -9.49 -34.13
C PRO C 9 -33.22 -9.38 -32.75
N THR C 10 -33.65 -10.19 -31.76
CA THR C 10 -33.00 -10.31 -30.47
C THR C 10 -31.84 -11.21 -30.66
N ILE C 11 -31.85 -12.07 -31.68
CA ILE C 11 -30.78 -13.04 -31.79
C ILE C 11 -29.72 -12.49 -32.73
N LEU C 12 -29.92 -11.27 -33.26
CA LEU C 12 -28.95 -10.51 -34.07
C LEU C 12 -28.36 -9.42 -33.20
N GLU C 13 -29.15 -8.99 -32.21
CA GLU C 13 -28.77 -8.25 -31.04
C GLU C 13 -27.91 -9.05 -30.08
N ALA C 14 -28.35 -10.26 -29.65
CA ALA C 14 -27.60 -11.16 -28.82
C ALA C 14 -26.22 -11.46 -29.41
N GLN C 15 -26.16 -11.60 -30.74
CA GLN C 15 -24.94 -11.53 -31.49
C GLN C 15 -23.98 -10.38 -31.26
N ARG C 16 -24.35 -9.08 -31.15
CA ARG C 16 -23.41 -8.09 -30.61
C ARG C 16 -22.84 -8.46 -29.27
N GLY C 17 -23.66 -9.19 -28.47
CA GLY C 17 -23.53 -9.51 -27.05
C GLY C 17 -22.34 -10.32 -26.78
N VAL C 18 -22.05 -11.28 -27.66
CA VAL C 18 -20.82 -12.02 -27.61
C VAL C 18 -19.58 -11.33 -28.19
N LYS C 19 -19.73 -10.34 -29.07
CA LYS C 19 -18.59 -9.79 -29.80
C LYS C 19 -17.97 -8.63 -29.10
N ASN C 20 -18.67 -8.14 -28.08
CA ASN C 20 -18.23 -7.09 -27.23
C ASN C 20 -17.03 -7.44 -26.40
N ILE C 21 -17.02 -8.64 -25.80
CA ILE C 21 -16.29 -8.76 -24.56
C ILE C 21 -14.78 -8.86 -24.72
N LYS C 22 -14.00 -8.38 -23.73
CA LYS C 22 -12.55 -8.40 -23.81
C LYS C 22 -11.93 -9.04 -22.64
N LYS C 23 -10.91 -9.88 -22.90
CA LYS C 23 -10.40 -10.78 -21.92
C LYS C 23 -9.84 -10.11 -20.71
N GLN C 24 -9.18 -8.98 -20.89
CA GLN C 24 -8.62 -8.25 -19.81
C GLN C 24 -9.67 -7.76 -18.82
N GLN C 25 -10.93 -7.64 -19.26
CA GLN C 25 -11.96 -7.25 -18.33
C GLN C 25 -12.31 -8.41 -17.44
N LEU C 26 -12.07 -9.62 -17.89
CA LEU C 26 -12.35 -10.78 -17.13
C LEU C 26 -11.27 -10.99 -16.16
N THR C 27 -10.04 -10.81 -16.58
CA THR C 27 -8.90 -11.09 -15.77
C THR C 27 -8.85 -10.22 -14.55
N GLU C 28 -9.20 -8.95 -14.69
CA GLU C 28 -9.33 -8.11 -13.52
C GLU C 28 -10.50 -8.62 -12.68
N ILE C 29 -11.66 -8.94 -13.27
CA ILE C 29 -12.83 -9.35 -12.52
C ILE C 29 -12.54 -10.55 -11.71
N ARG C 30 -11.78 -11.51 -12.21
CA ARG C 30 -11.62 -12.78 -11.56
C ARG C 30 -10.69 -12.63 -10.41
N SER C 31 -9.83 -11.63 -10.48
CA SER C 31 -9.01 -11.22 -9.37
C SER C 31 -9.81 -10.57 -8.25
N MET C 32 -11.00 -10.04 -8.47
CA MET C 32 -11.67 -9.30 -7.44
C MET C 32 -12.16 -10.12 -6.31
N VAL C 33 -11.49 -10.01 -5.18
CA VAL C 33 -11.76 -10.73 -3.96
C VAL C 33 -13.14 -10.54 -3.48
N ASN C 34 -13.69 -9.34 -3.55
CA ASN C 34 -14.97 -9.08 -2.99
C ASN C 34 -15.58 -7.84 -3.65
N PRO C 35 -15.80 -7.81 -4.94
CA PRO C 35 -16.37 -6.67 -5.63
C PRO C 35 -17.74 -6.35 -5.12
N PRO C 36 -18.33 -5.20 -5.38
CA PRO C 36 -19.60 -4.80 -4.83
C PRO C 36 -20.72 -5.71 -5.15
N SER C 37 -21.84 -5.55 -4.49
CA SER C 37 -23.01 -6.36 -4.68
C SER C 37 -23.51 -6.35 -6.07
N GLY C 38 -23.43 -5.19 -6.73
CA GLY C 38 -23.70 -5.05 -8.15
C GLY C 38 -22.91 -5.99 -9.02
N VAL C 39 -21.68 -6.34 -8.68
CA VAL C 39 -21.00 -7.37 -9.42
C VAL C 39 -21.61 -8.66 -9.06
N LYS C 40 -21.78 -8.92 -7.78
CA LYS C 40 -22.20 -10.19 -7.30
C LYS C 40 -23.47 -10.72 -7.91
N ILE C 41 -24.55 -9.95 -7.98
CA ILE C 41 -25.74 -10.45 -8.64
C ILE C 41 -25.55 -10.73 -10.08
N VAL C 42 -24.76 -9.94 -10.81
CA VAL C 42 -24.49 -10.29 -12.18
C VAL C 42 -23.77 -11.61 -12.32
N MET C 43 -22.74 -11.91 -11.51
CA MET C 43 -22.08 -13.19 -11.58
C MET C 43 -22.92 -14.36 -11.23
N GLU C 44 -23.85 -14.25 -10.28
CA GLU C 44 -24.84 -15.28 -10.02
C GLU C 44 -25.69 -15.47 -11.24
N ALA C 45 -26.10 -14.39 -11.91
CA ALA C 45 -26.71 -14.54 -13.20
C ALA C 45 -25.90 -15.22 -14.28
N VAL C 46 -24.59 -15.00 -14.45
CA VAL C 46 -23.88 -15.78 -15.44
C VAL C 46 -23.84 -17.25 -15.09
N CYS C 47 -23.60 -17.59 -13.83
CA CYS C 47 -23.51 -18.94 -13.33
C CYS C 47 -24.77 -19.73 -13.56
N ALA C 48 -25.92 -19.12 -13.36
CA ALA C 48 -27.12 -19.71 -13.85
C ALA C 48 -27.22 -19.86 -15.34
N ILE C 49 -26.88 -18.84 -16.14
CA ILE C 49 -26.92 -18.96 -17.58
C ILE C 49 -26.14 -20.07 -18.18
N LEU C 50 -24.92 -20.27 -17.73
CA LEU C 50 -24.10 -21.39 -18.04
C LEU C 50 -24.53 -22.60 -17.33
N GLY C 51 -25.36 -22.45 -16.31
CA GLY C 51 -26.04 -23.57 -15.73
C GLY C 51 -25.20 -24.32 -14.80
N TYR C 52 -24.23 -23.67 -14.21
CA TYR C 52 -23.80 -24.10 -12.92
C TYR C 52 -24.91 -23.95 -11.95
N GLN C 53 -25.00 -24.85 -10.99
CA GLN C 53 -25.94 -24.65 -9.94
C GLN C 53 -25.67 -23.39 -9.17
N PHE C 54 -26.70 -22.72 -8.72
CA PHE C 54 -26.67 -21.54 -7.89
C PHE C 54 -25.58 -21.44 -6.84
N SER C 55 -25.14 -20.23 -6.51
CA SER C 55 -23.97 -20.08 -5.67
C SER C 55 -24.08 -18.89 -4.72
N ASN C 56 -22.96 -18.30 -4.29
CA ASN C 56 -22.83 -17.26 -3.29
C ASN C 56 -21.36 -16.91 -3.39
N TRP C 57 -20.87 -15.75 -2.91
CA TRP C 57 -19.56 -15.28 -3.34
C TRP C 57 -18.37 -16.15 -3.14
N ARG C 58 -18.22 -16.79 -1.97
CA ARG C 58 -17.08 -17.65 -1.74
C ARG C 58 -16.93 -18.68 -2.82
N ASP C 59 -17.99 -19.44 -3.01
CA ASP C 59 -18.09 -20.44 -4.03
C ASP C 59 -17.88 -19.91 -5.39
N ILE C 60 -18.38 -18.71 -5.67
CA ILE C 60 -18.20 -18.14 -6.95
C ILE C 60 -16.80 -17.86 -7.22
N GLN C 61 -15.97 -17.37 -6.25
CA GLN C 61 -14.54 -17.16 -6.55
C GLN C 61 -13.91 -18.46 -6.99
N GLN C 62 -14.20 -19.53 -6.25
CA GLN C 62 -13.58 -20.80 -6.50
C GLN C 62 -13.88 -21.27 -7.88
N PHE C 63 -15.11 -21.14 -8.33
CA PHE C 63 -15.49 -21.34 -9.68
C PHE C 63 -14.85 -20.45 -10.73
N ILE C 64 -15.07 -19.14 -10.66
CA ILE C 64 -14.59 -18.24 -11.67
C ILE C 64 -13.10 -18.27 -11.90
N ARG C 65 -12.31 -18.44 -10.84
CA ARG C 65 -10.86 -18.55 -10.91
C ARG C 65 -10.30 -19.53 -11.90
N LYS C 66 -11.08 -20.55 -12.31
CA LYS C 66 -10.73 -21.55 -13.30
C LYS C 66 -10.21 -21.04 -14.63
N ASP C 67 -9.35 -21.83 -15.28
CA ASP C 67 -8.83 -21.55 -16.60
C ASP C 67 -9.92 -21.39 -17.60
N ASP C 68 -10.98 -22.20 -17.50
CA ASP C 68 -11.91 -22.34 -18.58
C ASP C 68 -13.09 -21.44 -18.39
N PHE C 69 -12.98 -20.47 -17.47
CA PHE C 69 -14.03 -19.51 -17.29
C PHE C 69 -14.27 -18.71 -18.55
N ILE C 70 -13.19 -18.13 -19.08
CA ILE C 70 -13.27 -17.24 -20.22
C ILE C 70 -13.43 -18.03 -21.46
N HIS C 71 -12.77 -19.18 -21.48
CA HIS C 71 -12.89 -20.12 -22.56
C HIS C 71 -14.28 -20.62 -22.76
N ASN C 72 -15.04 -20.90 -21.70
CA ASN C 72 -16.36 -21.46 -21.85
C ASN C 72 -17.23 -20.38 -22.42
N ILE C 73 -17.01 -19.12 -22.04
CA ILE C 73 -17.77 -18.02 -22.57
C ILE C 73 -17.57 -17.90 -24.06
N VAL C 74 -16.34 -18.11 -24.54
CA VAL C 74 -15.97 -17.88 -25.92
C VAL C 74 -16.32 -19.08 -26.76
N HIS C 75 -16.50 -20.22 -26.09
CA HIS C 75 -16.88 -21.49 -26.66
C HIS C 75 -18.40 -21.70 -26.61
N TYR C 76 -19.17 -20.82 -25.95
CA TYR C 76 -20.57 -21.05 -25.66
C TYR C 76 -21.54 -21.11 -26.87
N ASP C 77 -22.84 -21.37 -26.61
CA ASP C 77 -23.86 -21.32 -27.61
C ASP C 77 -24.56 -19.99 -27.57
N THR C 78 -24.37 -19.14 -28.59
CA THR C 78 -25.24 -17.99 -28.77
C THR C 78 -26.58 -18.40 -29.27
N THR C 79 -26.70 -19.57 -29.93
CA THR C 79 -28.00 -20.04 -30.44
C THR C 79 -28.72 -20.91 -29.47
N LEU C 80 -28.19 -21.10 -28.26
CA LEU C 80 -28.94 -21.80 -27.26
C LEU C 80 -30.20 -21.04 -26.92
N HIS C 81 -31.27 -21.82 -26.88
CA HIS C 81 -32.56 -21.42 -26.36
C HIS C 81 -33.36 -22.67 -26.17
N MET C 82 -32.81 -23.83 -26.58
CA MET C 82 -33.29 -25.15 -26.29
C MET C 82 -33.58 -25.41 -24.83
N LYS C 83 -34.89 -25.43 -24.52
CA LYS C 83 -35.54 -25.67 -23.25
C LYS C 83 -34.76 -25.46 -21.98
N PRO C 84 -34.16 -24.33 -21.65
CA PRO C 84 -33.59 -24.20 -20.35
C PRO C 84 -34.75 -23.82 -19.46
N GLN C 85 -34.77 -24.23 -18.19
CA GLN C 85 -35.82 -23.75 -17.34
C GLN C 85 -35.26 -22.59 -16.59
N ILE C 86 -34.02 -22.26 -16.92
CA ILE C 86 -33.20 -21.21 -16.41
C ILE C 86 -33.85 -19.93 -16.76
N ARG C 87 -34.60 -19.88 -17.85
CA ARG C 87 -35.50 -18.77 -18.07
C ARG C 87 -36.51 -18.53 -16.95
N LYS C 88 -37.38 -19.50 -16.60
CA LYS C 88 -38.33 -19.29 -15.51
C LYS C 88 -37.75 -19.17 -14.14
N TYR C 89 -36.60 -19.81 -13.94
CA TYR C 89 -35.83 -19.62 -12.76
C TYR C 89 -35.31 -18.19 -12.73
N MET C 90 -34.42 -17.81 -13.66
CA MET C 90 -33.86 -16.49 -13.70
C MET C 90 -34.85 -15.37 -13.68
N GLU C 91 -36.05 -15.60 -14.19
CA GLU C 91 -37.03 -14.58 -14.09
C GLU C 91 -37.58 -14.53 -12.71
N GLU C 92 -38.08 -15.64 -12.11
CA GLU C 92 -38.45 -15.60 -10.69
C GLU C 92 -37.40 -15.08 -9.74
N GLU C 93 -36.14 -15.24 -10.09
CA GLU C 93 -35.04 -14.87 -9.29
C GLU C 93 -34.47 -13.52 -9.55
N PHE C 94 -34.54 -13.01 -10.77
CA PHE C 94 -33.74 -11.86 -11.02
C PHE C 94 -34.41 -10.87 -11.87
N LEU C 95 -35.33 -11.25 -12.76
CA LEU C 95 -35.83 -10.22 -13.64
C LEU C 95 -37.01 -9.51 -13.00
N SER C 96 -37.31 -9.96 -11.78
CA SER C 96 -38.20 -9.35 -10.82
C SER C 96 -37.49 -8.47 -9.82
N ASP C 97 -36.15 -8.25 -9.91
CA ASP C 97 -35.49 -7.32 -9.04
C ASP C 97 -35.13 -6.09 -9.82
N PRO C 98 -35.60 -4.91 -9.49
CA PRO C 98 -35.09 -3.66 -10.05
C PRO C 98 -33.73 -3.21 -9.50
N ASN C 99 -32.93 -4.07 -8.86
CA ASN C 99 -31.55 -3.77 -8.54
C ASN C 99 -30.64 -4.53 -9.44
N PHE C 100 -31.24 -5.46 -10.21
CA PHE C 100 -30.69 -6.21 -11.32
C PHE C 100 -30.75 -5.31 -12.53
N THR C 101 -30.32 -4.07 -12.32
CA THR C 101 -30.78 -2.95 -13.07
C THR C 101 -29.64 -2.46 -13.82
N TYR C 102 -29.85 -2.40 -15.14
CA TYR C 102 -28.85 -2.19 -16.14
C TYR C 102 -27.80 -1.20 -15.82
N GLU C 103 -28.19 -0.04 -15.28
CA GLU C 103 -27.36 1.11 -15.05
C GLU C 103 -26.32 0.94 -14.01
N THR C 104 -26.77 0.60 -12.81
CA THR C 104 -26.02 0.31 -11.61
C THR C 104 -24.86 -0.56 -11.90
N ILE C 105 -25.17 -1.69 -12.50
CA ILE C 105 -24.19 -2.51 -13.12
C ILE C 105 -23.46 -1.84 -14.26
N ASN C 106 -24.13 -1.09 -15.15
CA ASN C 106 -23.57 -0.47 -16.35
C ASN C 106 -22.40 0.44 -16.07
N ARG C 107 -22.49 1.24 -15.03
CA ARG C 107 -21.31 1.94 -14.58
C ARG C 107 -20.26 0.99 -13.99
N ALA C 108 -20.67 -0.13 -13.36
CA ALA C 108 -20.05 -0.88 -12.29
C ALA C 108 -18.56 -1.07 -12.42
N SER C 109 -18.07 -1.78 -13.40
CA SER C 109 -16.66 -1.66 -13.70
C SER C 109 -16.61 -1.06 -15.05
N LYS C 110 -15.43 -1.10 -15.67
CA LYS C 110 -15.31 -1.30 -17.08
C LYS C 110 -16.16 -2.47 -17.58
N ALA C 111 -16.96 -2.27 -18.64
CA ALA C 111 -17.67 -3.27 -19.40
C ALA C 111 -18.53 -4.31 -18.69
N CYS C 112 -18.87 -4.11 -17.42
CA CYS C 112 -19.71 -5.00 -16.67
C CYS C 112 -21.03 -4.97 -17.28
N GLY C 113 -21.53 -3.78 -17.60
CA GLY C 113 -22.66 -3.62 -18.51
C GLY C 113 -22.66 -4.53 -19.74
N PRO C 114 -21.74 -4.54 -20.69
CA PRO C 114 -21.66 -5.52 -21.74
C PRO C 114 -21.86 -6.92 -21.28
N LEU C 115 -21.38 -7.29 -20.11
CA LEU C 115 -21.74 -8.55 -19.52
C LEU C 115 -23.15 -8.63 -19.08
N TYR C 116 -23.68 -7.68 -18.30
CA TYR C 116 -25.09 -7.57 -18.15
C TYR C 116 -25.87 -7.57 -19.44
N GLN C 117 -25.28 -7.19 -20.56
CA GLN C 117 -26.00 -7.04 -21.78
C GLN C 117 -26.11 -8.37 -22.41
N TRP C 118 -24.99 -9.08 -22.40
CA TRP C 118 -24.91 -10.46 -22.65
C TRP C 118 -25.93 -11.24 -21.84
N VAL C 119 -26.07 -11.11 -20.50
CA VAL C 119 -27.06 -11.90 -19.75
C VAL C 119 -28.47 -11.57 -20.13
N ASN C 120 -28.80 -10.31 -20.08
CA ASN C 120 -30.01 -9.78 -20.60
C ASN C 120 -30.38 -10.36 -21.96
N ALA C 121 -29.46 -10.41 -22.93
CA ALA C 121 -29.71 -11.09 -24.19
C ALA C 121 -30.09 -12.55 -24.06
N GLN C 122 -29.37 -13.30 -23.21
CA GLN C 122 -29.62 -14.69 -22.94
C GLN C 122 -30.95 -14.90 -22.26
N ILE C 123 -31.59 -13.84 -21.78
CA ILE C 123 -32.89 -13.93 -21.15
C ILE C 123 -33.88 -13.49 -22.14
N ASN C 124 -33.76 -12.26 -22.58
CA ASN C 124 -34.61 -11.73 -23.59
C ASN C 124 -34.62 -12.43 -24.96
N PHE C 125 -33.62 -13.25 -25.35
CA PHE C 125 -33.82 -14.23 -26.39
C PHE C 125 -34.58 -15.45 -25.88
N SER C 126 -34.46 -15.80 -24.59
CA SER C 126 -35.05 -17.00 -24.05
C SER C 126 -36.55 -16.90 -24.00
N LYS C 127 -37.08 -15.70 -24.16
CA LYS C 127 -38.46 -15.44 -24.52
C LYS C 127 -38.89 -16.02 -25.90
N CYS C 128 -38.11 -16.97 -26.45
CA CYS C 128 -38.05 -17.46 -27.81
C CYS C 128 -39.31 -18.03 -28.40
N LEU C 129 -40.18 -18.66 -27.61
CA LEU C 129 -41.41 -19.24 -28.09
C LEU C 129 -42.58 -18.72 -27.30
N GLU C 130 -42.44 -17.52 -26.76
CA GLU C 130 -43.47 -16.85 -26.03
C GLU C 130 -44.53 -16.26 -26.97
#